data_1AQJ
#
_entry.id   1AQJ
#
_cell.length_a   130.450
_cell.length_b   142.940
_cell.length_c   53.120
_cell.angle_alpha   90.00
_cell.angle_beta   90.00
_cell.angle_gamma   90.00
#
_symmetry.space_group_name_H-M   'P 21 21 2'
#
loop_
_entity.id
_entity.type
_entity.pdbx_description
1 polymer 'ADENINE-N6-DNA-METHYLTRANSFERASE TAQI'
2 non-polymer SINEFUNGIN
3 water water
#
_entity_poly.entity_id   1
_entity_poly.type   'polypeptide(L)'
_entity_poly.pdbx_seq_one_letter_code
;MGLPPLLSLPSNSAPRSLGRVETPPEVVDFMVSLAEAPRGGRVLEPACAHGPFLRAFREAHGTGYRFVGVEIDPKALDLP
PWAEGILADFLLWEPGEAFDLILGNPPYGIVGEASKYPIHVFKAVKDLYKKAFSTWKGKYNLYGAFLEKAVRLLKPGGVL
VFVVPATWLVLEDFALLREFLAREGKTSVYYLGEVFPQKKVSAVVIRFQKSGKGLSLWDTQESESGFTPILWAEYPHWEG
EIIRFETEETRKLEISGMPLGDLFHIRFAARSPEFKKHPAVRKEPGPGLVPVLTGRNLKPGWVDYEKNHSGLWMPKERAK
ELRDFYATPHLVVAHTKGTRVVAAWDERAYPWREEFHLLPKEGVRLDPSSLVQWLNSEAMQKHVRTLYRDFVPHLTLRML
ERLPVRREYGFHTSPESARNF
;
_entity_poly.pdbx_strand_id   A,B
#
# COMPACT_ATOMS: atom_id res chain seq x y z
N VAL A 21 -5.90 -5.53 19.94
CA VAL A 21 -5.78 -6.15 18.58
C VAL A 21 -6.98 -5.80 17.66
N GLU A 22 -7.96 -6.71 17.56
CA GLU A 22 -9.16 -6.55 16.73
C GLU A 22 -8.93 -5.72 15.47
N THR A 23 -8.73 -6.42 14.37
CA THR A 23 -8.46 -5.80 13.07
C THR A 23 -9.30 -4.56 12.75
N PRO A 24 -8.66 -3.39 12.70
CA PRO A 24 -9.36 -2.14 12.39
C PRO A 24 -10.04 -2.28 11.03
N PRO A 25 -11.22 -1.65 10.86
CA PRO A 25 -11.98 -1.71 9.60
C PRO A 25 -11.18 -1.42 8.33
N GLU A 26 -10.31 -0.42 8.36
CA GLU A 26 -9.51 -0.09 7.18
C GLU A 26 -8.51 -1.19 6.84
N VAL A 27 -8.11 -1.96 7.84
CA VAL A 27 -7.19 -3.06 7.58
C VAL A 27 -7.99 -4.16 6.90
N VAL A 28 -9.16 -4.48 7.45
CA VAL A 28 -10.04 -5.51 6.87
C VAL A 28 -10.40 -5.15 5.43
N ASP A 29 -10.66 -3.87 5.18
CA ASP A 29 -10.98 -3.40 3.83
C ASP A 29 -9.79 -3.63 2.90
N PHE A 30 -8.60 -3.35 3.40
CA PHE A 30 -7.37 -3.54 2.63
C PHE A 30 -7.18 -5.02 2.24
N MET A 31 -7.32 -5.91 3.21
CA MET A 31 -7.17 -7.34 2.95
C MET A 31 -8.23 -7.92 2.03
N VAL A 32 -9.45 -7.39 2.08
CA VAL A 32 -10.52 -7.87 1.21
C VAL A 32 -10.27 -7.46 -0.24
N SER A 33 -9.60 -6.33 -0.44
CA SER A 33 -9.30 -5.82 -1.78
C SER A 33 -8.18 -6.61 -2.46
N LEU A 34 -7.50 -7.44 -1.67
CA LEU A 34 -6.43 -8.28 -2.16
C LEU A 34 -6.98 -9.69 -2.35
N ALA A 35 -8.01 -10.00 -1.58
CA ALA A 35 -8.65 -11.31 -1.63
C ALA A 35 -9.30 -11.51 -2.98
N GLU A 36 -9.37 -12.76 -3.40
CA GLU A 36 -9.96 -13.13 -4.67
C GLU A 36 -10.28 -14.60 -4.60
N ALA A 37 -11.34 -15.00 -5.29
CA ALA A 37 -11.77 -16.40 -5.32
C ALA A 37 -12.72 -16.51 -6.49
N PRO A 38 -12.67 -17.63 -7.21
CA PRO A 38 -13.55 -17.84 -8.36
C PRO A 38 -15.02 -17.99 -7.95
N ARG A 39 -15.93 -17.73 -8.89
CA ARG A 39 -17.37 -17.82 -8.66
C ARG A 39 -17.73 -19.16 -8.04
N GLY A 40 -18.46 -19.12 -6.93
CA GLY A 40 -18.86 -20.34 -6.26
C GLY A 40 -17.74 -21.00 -5.47
N GLY A 41 -16.58 -20.33 -5.42
CA GLY A 41 -15.44 -20.86 -4.70
C GLY A 41 -15.65 -20.90 -3.20
N ARG A 42 -14.87 -21.75 -2.52
CA ARG A 42 -14.95 -21.91 -1.08
C ARG A 42 -14.09 -20.87 -0.37
N VAL A 43 -14.73 -20.11 0.51
CA VAL A 43 -14.07 -19.08 1.29
C VAL A 43 -14.10 -19.51 2.76
N LEU A 44 -12.94 -19.45 3.41
CA LEU A 44 -12.81 -19.86 4.82
C LEU A 44 -12.13 -18.81 5.66
N GLU A 45 -12.63 -18.65 6.88
CA GLU A 45 -12.04 -17.71 7.81
C GLU A 45 -11.74 -18.48 9.08
N PRO A 46 -10.46 -18.83 9.31
CA PRO A 46 -10.08 -19.57 10.51
C PRO A 46 -10.07 -18.66 11.74
N ALA A 47 -10.46 -19.21 12.90
CA ALA A 47 -10.50 -18.44 14.16
C ALA A 47 -11.42 -17.25 13.95
N CYS A 48 -12.50 -17.51 13.20
CA CYS A 48 -13.49 -16.54 12.80
C CYS A 48 -14.29 -15.73 13.81
N ALA A 49 -14.84 -16.40 14.82
CA ALA A 49 -15.68 -15.75 15.82
C ALA A 49 -17.00 -15.38 15.12
N HIS A 50 -17.23 -14.10 14.87
CA HIS A 50 -18.47 -13.70 14.19
C HIS A 50 -18.24 -13.48 12.70
N GLY A 51 -17.13 -14.00 12.20
CA GLY A 51 -16.81 -13.89 10.80
C GLY A 51 -16.68 -12.53 10.16
N PRO A 52 -15.85 -11.62 10.73
CA PRO A 52 -15.67 -10.28 10.16
C PRO A 52 -15.14 -10.21 8.71
N PHE A 53 -14.36 -11.21 8.28
CA PHE A 53 -13.83 -11.22 6.91
C PHE A 53 -14.82 -11.82 5.93
N LEU A 54 -15.57 -12.82 6.39
CA LEU A 54 -16.59 -13.49 5.57
C LEU A 54 -17.63 -12.45 5.16
N ARG A 55 -18.06 -11.67 6.14
CA ARG A 55 -19.05 -10.61 5.91
C ARG A 55 -18.48 -9.60 4.91
N ALA A 56 -17.38 -8.96 5.27
CA ALA A 56 -16.73 -7.96 4.41
C ALA A 56 -16.52 -8.47 2.99
N PHE A 57 -16.00 -9.69 2.86
CA PHE A 57 -15.76 -10.27 1.54
C PHE A 57 -17.06 -10.35 0.76
N ARG A 58 -18.06 -11.01 1.34
CA ARG A 58 -19.38 -11.17 0.71
C ARG A 58 -19.95 -9.81 0.34
N GLU A 59 -19.80 -8.88 1.25
CA GLU A 59 -20.25 -7.50 1.13
C GLU A 59 -19.45 -6.66 0.13
N ALA A 60 -18.53 -7.28 -0.59
CA ALA A 60 -17.72 -6.54 -1.56
C ALA A 60 -17.47 -7.35 -2.82
N HIS A 61 -17.41 -8.66 -2.70
CA HIS A 61 -17.17 -9.53 -3.85
C HIS A 61 -18.39 -10.35 -4.28
N GLY A 62 -19.47 -10.27 -3.50
CA GLY A 62 -20.68 -11.00 -3.85
C GLY A 62 -21.09 -12.12 -2.91
N THR A 63 -22.23 -12.72 -3.24
CA THR A 63 -22.79 -13.81 -2.46
C THR A 63 -22.55 -15.18 -3.11
N GLY A 64 -22.05 -15.16 -4.35
CA GLY A 64 -21.82 -16.40 -5.07
C GLY A 64 -20.60 -17.20 -4.65
N TYR A 65 -20.53 -17.58 -3.37
CA TYR A 65 -19.40 -18.35 -2.86
C TYR A 65 -19.88 -19.33 -1.79
N ARG A 66 -18.97 -20.19 -1.35
CA ARG A 66 -19.27 -21.16 -0.31
C ARG A 66 -18.51 -20.64 0.91
N PHE A 67 -19.23 -20.22 1.94
CA PHE A 67 -18.61 -19.67 3.15
C PHE A 67 -18.50 -20.64 4.33
N VAL A 68 -17.30 -20.74 4.92
CA VAL A 68 -17.05 -21.61 6.07
C VAL A 68 -16.25 -20.86 7.15
N GLY A 69 -16.61 -21.06 8.41
CA GLY A 69 -15.91 -20.41 9.50
C GLY A 69 -15.53 -21.43 10.55
N VAL A 70 -14.28 -21.41 11.00
CA VAL A 70 -13.80 -22.35 12.02
C VAL A 70 -13.53 -21.62 13.33
N GLU A 71 -14.22 -22.04 14.39
CA GLU A 71 -14.07 -21.45 15.71
C GLU A 71 -14.07 -22.55 16.77
N ILE A 72 -13.20 -22.42 17.76
CA ILE A 72 -13.11 -23.43 18.81
C ILE A 72 -13.98 -23.07 20.02
N ASP A 73 -14.24 -21.79 20.18
CA ASP A 73 -15.06 -21.26 21.27
C ASP A 73 -16.51 -21.17 20.83
N PRO A 74 -17.37 -22.06 21.36
CA PRO A 74 -18.80 -22.09 21.04
C PRO A 74 -19.48 -20.77 21.34
N LYS A 75 -19.00 -20.09 22.37
CA LYS A 75 -19.55 -18.80 22.77
C LYS A 75 -19.13 -17.66 21.85
N ALA A 76 -18.05 -17.86 21.09
CA ALA A 76 -17.56 -16.80 20.21
C ALA A 76 -18.12 -16.91 18.79
N LEU A 77 -18.43 -18.12 18.36
CA LEU A 77 -18.95 -18.35 17.02
C LEU A 77 -20.33 -17.73 16.86
N ASP A 78 -20.40 -16.65 16.09
CA ASP A 78 -21.64 -15.92 15.84
C ASP A 78 -21.68 -15.59 14.34
N LEU A 79 -21.98 -16.60 13.52
CA LEU A 79 -22.04 -16.44 12.08
C LEU A 79 -23.45 -16.34 11.50
N PRO A 80 -23.60 -15.58 10.39
CA PRO A 80 -24.89 -15.39 9.71
C PRO A 80 -25.30 -16.69 9.02
N PRO A 81 -26.60 -16.88 8.80
CA PRO A 81 -27.19 -18.07 8.16
C PRO A 81 -26.57 -18.47 6.83
N TRP A 82 -25.94 -17.53 6.12
CA TRP A 82 -25.32 -17.84 4.84
C TRP A 82 -23.95 -18.50 4.97
N ALA A 83 -23.41 -18.53 6.18
CA ALA A 83 -22.10 -19.12 6.43
C ALA A 83 -22.23 -20.44 7.19
N GLU A 84 -21.34 -21.38 6.86
CA GLU A 84 -21.34 -22.67 7.54
C GLU A 84 -20.28 -22.57 8.65
N GLY A 85 -20.74 -22.51 9.89
CA GLY A 85 -19.82 -22.41 11.00
C GLY A 85 -19.38 -23.76 11.51
N ILE A 86 -18.07 -23.95 11.60
CA ILE A 86 -17.53 -25.21 12.08
C ILE A 86 -16.82 -24.97 13.40
N LEU A 87 -17.30 -25.65 14.43
CA LEU A 87 -16.76 -25.55 15.78
C LEU A 87 -15.66 -26.60 15.97
N ALA A 88 -14.40 -26.17 15.88
CA ALA A 88 -13.26 -27.07 16.02
C ALA A 88 -11.95 -26.33 16.22
N ASP A 89 -10.89 -27.10 16.48
CA ASP A 89 -9.54 -26.57 16.66
C ASP A 89 -8.90 -26.56 15.28
N PHE A 90 -8.79 -25.38 14.69
CA PHE A 90 -8.22 -25.24 13.34
C PHE A 90 -6.93 -26.01 13.08
N LEU A 91 -6.02 -26.00 14.04
CA LEU A 91 -4.73 -26.68 13.89
C LEU A 91 -4.79 -28.21 13.78
N LEU A 92 -5.89 -28.80 14.25
CA LEU A 92 -6.08 -30.24 14.20
C LEU A 92 -7.29 -30.60 13.38
N TRP A 93 -7.95 -29.57 12.84
CA TRP A 93 -9.14 -29.77 12.01
C TRP A 93 -8.69 -30.48 10.76
N GLU A 94 -9.59 -31.25 10.17
CA GLU A 94 -9.24 -31.97 8.96
C GLU A 94 -10.46 -32.07 8.07
N PRO A 95 -10.67 -31.08 7.21
CA PRO A 95 -11.83 -31.14 6.31
C PRO A 95 -11.43 -32.04 5.16
N GLY A 96 -12.39 -32.42 4.33
CA GLY A 96 -12.05 -33.25 3.19
C GLY A 96 -11.91 -32.34 1.97
N GLU A 97 -12.30 -31.08 2.17
CA GLU A 97 -12.29 -30.06 1.13
C GLU A 97 -11.05 -29.17 1.20
N ALA A 98 -10.58 -28.76 0.03
CA ALA A 98 -9.45 -27.84 -0.08
C ALA A 98 -10.10 -26.50 -0.36
N PHE A 99 -9.52 -25.40 0.12
CA PHE A 99 -10.16 -24.12 -0.10
C PHE A 99 -9.53 -23.28 -1.19
N ASP A 100 -10.32 -22.33 -1.70
CA ASP A 100 -9.90 -21.43 -2.76
C ASP A 100 -9.29 -20.17 -2.17
N LEU A 101 -9.93 -19.65 -1.12
CA LEU A 101 -9.50 -18.42 -0.48
C LEU A 101 -9.57 -18.54 1.02
N ILE A 102 -8.49 -18.15 1.69
CA ILE A 102 -8.45 -18.20 3.15
C ILE A 102 -8.12 -16.80 3.66
N LEU A 103 -9.05 -16.21 4.42
CA LEU A 103 -8.90 -14.88 4.97
C LEU A 103 -8.84 -14.99 6.49
N GLY A 104 -8.13 -14.07 7.14
CA GLY A 104 -8.08 -14.13 8.59
C GLY A 104 -7.02 -13.37 9.36
N ASN A 105 -7.21 -13.39 10.67
CA ASN A 105 -6.30 -12.76 11.62
C ASN A 105 -6.16 -13.89 12.63
N PRO A 106 -5.09 -14.67 12.49
CA PRO A 106 -4.79 -15.82 13.36
C PRO A 106 -4.35 -15.37 14.75
N PRO A 107 -4.46 -16.28 15.73
CA PRO A 107 -4.05 -15.99 17.11
C PRO A 107 -2.54 -15.77 17.13
N TYR A 108 -2.10 -14.77 17.87
CA TYR A 108 -0.68 -14.48 17.98
C TYR A 108 -0.26 -14.95 19.35
N GLY A 109 0.86 -15.66 19.46
CA GLY A 109 1.30 -16.10 20.78
C GLY A 109 1.92 -17.48 20.93
N ILE A 110 2.60 -17.65 22.05
CA ILE A 110 3.26 -18.90 22.40
C ILE A 110 2.19 -19.78 23.04
N VAL A 111 2.33 -21.09 22.89
CA VAL A 111 1.37 -22.03 23.45
C VAL A 111 1.66 -22.28 24.94
N ALA A 124 1.46 -29.10 26.95
CA ALA A 124 1.17 -30.51 26.54
C ALA A 124 0.72 -30.54 25.08
N VAL A 125 -0.29 -29.71 24.77
CA VAL A 125 -0.81 -29.62 23.41
C VAL A 125 0.28 -29.05 22.50
N LYS A 126 1.25 -28.37 23.12
CA LYS A 126 2.40 -27.78 22.43
C LYS A 126 3.20 -28.89 21.76
N ASP A 127 3.51 -29.93 22.53
CA ASP A 127 4.28 -31.06 22.02
C ASP A 127 3.57 -31.72 20.86
N LEU A 128 2.25 -31.70 20.91
CA LEU A 128 1.45 -32.28 19.85
C LEU A 128 1.53 -31.38 18.62
N TYR A 129 1.51 -30.08 18.85
CA TYR A 129 1.62 -29.11 17.75
C TYR A 129 3.02 -29.19 17.16
N LYS A 130 4.03 -29.23 18.03
CA LYS A 130 5.42 -29.31 17.59
C LYS A 130 5.66 -30.46 16.63
N LYS A 131 4.99 -31.58 16.86
CA LYS A 131 5.15 -32.75 16.00
C LYS A 131 4.21 -32.73 14.81
N ALA A 132 3.23 -31.84 14.83
CA ALA A 132 2.27 -31.75 13.74
C ALA A 132 2.66 -30.78 12.63
N PHE A 133 3.43 -29.76 13.00
CA PHE A 133 3.85 -28.73 12.06
C PHE A 133 5.34 -28.75 11.79
N SER A 134 5.69 -28.95 10.52
CA SER A 134 7.08 -29.01 10.08
C SER A 134 7.89 -27.72 10.26
N THR A 135 7.21 -26.58 10.23
CA THR A 135 7.90 -25.30 10.37
C THR A 135 8.03 -24.89 11.83
N TRP A 136 7.57 -25.73 12.74
CA TRP A 136 7.68 -25.40 14.15
C TRP A 136 9.13 -25.46 14.60
N LYS A 137 9.66 -24.33 15.04
CA LYS A 137 11.05 -24.25 15.48
C LYS A 137 11.14 -23.38 16.73
N GLY A 138 11.89 -23.84 17.72
CA GLY A 138 12.03 -23.08 18.96
C GLY A 138 10.70 -23.00 19.67
N LYS A 139 10.43 -21.87 20.31
CA LYS A 139 9.15 -21.68 21.00
C LYS A 139 8.08 -21.40 19.96
N TYR A 140 8.53 -20.88 18.82
CA TYR A 140 7.68 -20.56 17.69
C TYR A 140 6.57 -19.58 18.07
N ASN A 141 5.42 -19.68 17.40
CA ASN A 141 4.30 -18.79 17.65
C ASN A 141 3.11 -19.37 16.93
N LEU A 142 1.95 -19.33 17.58
CA LEU A 142 0.72 -19.87 17.00
C LEU A 142 0.39 -19.37 15.60
N TYR A 143 0.78 -18.12 15.27
CA TYR A 143 0.47 -17.61 13.94
C TYR A 143 1.26 -18.32 12.85
N GLY A 144 2.40 -18.89 13.22
CA GLY A 144 3.20 -19.61 12.25
C GLY A 144 2.47 -20.90 11.89
N ALA A 145 1.91 -21.55 12.90
CA ALA A 145 1.16 -22.81 12.72
C ALA A 145 -0.09 -22.61 11.87
N PHE A 146 -0.83 -21.53 12.12
CA PHE A 146 -2.02 -21.24 11.35
C PHE A 146 -1.64 -21.06 9.89
N LEU A 147 -0.52 -20.39 9.65
CA LEU A 147 -0.03 -20.17 8.29
C LEU A 147 0.24 -21.49 7.58
N GLU A 148 1.07 -22.35 8.19
CA GLU A 148 1.40 -23.64 7.60
C GLU A 148 0.14 -24.45 7.34
N LYS A 149 -0.74 -24.54 8.33
CA LYS A 149 -1.99 -25.27 8.17
C LYS A 149 -2.78 -24.61 7.03
N ALA A 150 -2.96 -23.29 7.12
CA ALA A 150 -3.70 -22.54 6.11
C ALA A 150 -3.21 -22.88 4.70
N VAL A 151 -1.91 -22.87 4.51
CA VAL A 151 -1.32 -23.17 3.20
C VAL A 151 -1.63 -24.59 2.75
N ARG A 152 -1.79 -25.50 3.71
CA ARG A 152 -2.10 -26.89 3.36
C ARG A 152 -3.57 -27.16 3.01
N LEU A 153 -4.45 -26.22 3.34
CA LEU A 153 -5.86 -26.37 3.02
C LEU A 153 -6.18 -25.59 1.73
N LEU A 154 -5.14 -25.01 1.14
CA LEU A 154 -5.26 -24.24 -0.08
C LEU A 154 -5.11 -25.17 -1.26
N LYS A 155 -6.00 -25.05 -2.24
CA LYS A 155 -5.88 -25.88 -3.42
C LYS A 155 -4.92 -25.16 -4.37
N PRO A 156 -4.36 -25.87 -5.36
CA PRO A 156 -3.44 -25.24 -6.30
C PRO A 156 -4.03 -23.95 -6.83
N GLY A 157 -3.27 -22.87 -6.72
CA GLY A 157 -3.74 -21.58 -7.18
C GLY A 157 -4.57 -20.86 -6.13
N GLY A 158 -4.76 -21.51 -4.98
CA GLY A 158 -5.53 -20.92 -3.90
C GLY A 158 -4.83 -19.69 -3.34
N VAL A 159 -5.60 -18.82 -2.72
CA VAL A 159 -5.07 -17.58 -2.16
C VAL A 159 -5.31 -17.51 -0.66
N LEU A 160 -4.34 -16.98 0.06
CA LEU A 160 -4.41 -16.81 1.50
C LEU A 160 -4.05 -15.36 1.79
N VAL A 161 -4.82 -14.72 2.68
CA VAL A 161 -4.57 -13.33 3.06
C VAL A 161 -4.71 -13.25 4.58
N PHE A 162 -3.58 -13.03 5.26
CA PHE A 162 -3.52 -12.95 6.72
C PHE A 162 -2.84 -11.69 7.20
N VAL A 163 -3.18 -11.26 8.42
CA VAL A 163 -2.56 -10.11 9.03
C VAL A 163 -1.84 -10.73 10.22
N VAL A 164 -0.51 -10.62 10.23
CA VAL A 164 0.30 -11.21 11.29
C VAL A 164 1.42 -10.24 11.67
N PRO A 165 2.15 -10.54 12.77
CA PRO A 165 3.26 -9.66 13.18
C PRO A 165 4.42 -9.78 12.19
N ALA A 166 5.30 -8.80 12.17
CA ALA A 166 6.42 -8.81 11.25
C ALA A 166 7.66 -9.56 11.77
N THR A 167 7.55 -10.18 12.93
CA THR A 167 8.68 -10.89 13.53
C THR A 167 9.22 -12.00 12.65
N TRP A 168 8.33 -12.73 11.98
CA TRP A 168 8.73 -13.84 11.14
C TRP A 168 9.63 -13.42 9.98
N LEU A 169 9.74 -12.13 9.73
CA LEU A 169 10.57 -11.65 8.63
C LEU A 169 12.06 -11.79 8.92
N VAL A 170 12.44 -11.50 10.17
CA VAL A 170 13.84 -11.53 10.59
C VAL A 170 14.23 -12.62 11.58
N LEU A 171 13.33 -12.96 12.49
CA LEU A 171 13.62 -13.96 13.50
C LEU A 171 14.04 -15.33 12.97
N GLU A 172 14.91 -16.00 13.71
CA GLU A 172 15.46 -17.32 13.38
C GLU A 172 14.48 -18.48 13.51
N ASP A 173 13.61 -18.43 14.51
CA ASP A 173 12.63 -19.48 14.75
C ASP A 173 11.65 -19.60 13.59
N PHE A 174 11.62 -18.58 12.74
CA PHE A 174 10.73 -18.56 11.59
C PHE A 174 11.45 -18.89 10.27
N ALA A 175 12.67 -19.41 10.39
CA ALA A 175 13.49 -19.78 9.23
C ALA A 175 12.89 -20.93 8.44
N LEU A 176 12.31 -21.91 9.12
CA LEU A 176 11.72 -23.02 8.40
C LEU A 176 10.47 -22.55 7.66
N LEU A 177 9.68 -21.70 8.30
CA LEU A 177 8.46 -21.16 7.71
C LEU A 177 8.77 -20.38 6.45
N ARG A 178 9.78 -19.51 6.51
CA ARG A 178 10.19 -18.72 5.36
C ARG A 178 10.57 -19.60 4.18
N GLU A 179 11.20 -20.74 4.45
CA GLU A 179 11.57 -21.66 3.38
C GLU A 179 10.33 -22.39 2.90
N PHE A 180 9.48 -22.78 3.84
CA PHE A 180 8.23 -23.46 3.55
C PHE A 180 7.44 -22.60 2.55
N LEU A 181 7.19 -21.36 2.95
CA LEU A 181 6.46 -20.40 2.13
C LEU A 181 7.08 -20.16 0.76
N ALA A 182 8.40 -19.98 0.74
CA ALA A 182 9.13 -19.74 -0.50
C ALA A 182 9.10 -20.95 -1.42
N ARG A 183 8.96 -22.12 -0.80
CA ARG A 183 8.92 -23.39 -1.51
C ARG A 183 7.52 -23.70 -2.05
N GLU A 184 6.49 -23.43 -1.25
CA GLU A 184 5.11 -23.71 -1.63
C GLU A 184 4.46 -22.76 -2.65
N GLY A 185 4.87 -21.49 -2.68
CA GLY A 185 4.26 -20.59 -3.64
C GLY A 185 4.85 -19.20 -3.79
N LYS A 186 4.00 -18.29 -4.26
CA LYS A 186 4.37 -16.90 -4.46
C LYS A 186 3.87 -16.15 -3.24
N THR A 187 4.76 -15.37 -2.62
CA THR A 187 4.39 -14.62 -1.44
C THR A 187 4.60 -13.11 -1.59
N SER A 188 3.60 -12.34 -1.19
CA SER A 188 3.67 -10.87 -1.24
C SER A 188 3.51 -10.39 0.19
N VAL A 189 4.43 -9.54 0.63
CA VAL A 189 4.40 -9.01 1.99
C VAL A 189 4.15 -7.50 1.99
N TYR A 190 3.05 -7.09 2.61
CA TYR A 190 2.67 -5.66 2.71
C TYR A 190 2.90 -5.16 4.14
N TYR A 191 3.82 -4.21 4.29
CA TYR A 191 4.14 -3.66 5.60
C TYR A 191 3.07 -2.65 6.05
N LEU A 192 2.38 -2.94 7.16
CA LEU A 192 1.35 -2.05 7.69
C LEU A 192 1.91 -1.30 8.88
N GLY A 193 2.62 -2.01 9.75
CA GLY A 193 3.20 -1.36 10.92
C GLY A 193 2.36 -1.56 12.15
N GLU A 194 2.48 -0.64 13.11
CA GLU A 194 1.72 -0.73 14.36
C GLU A 194 0.32 -0.15 14.21
N VAL A 195 -0.52 -0.84 13.45
CA VAL A 195 -1.88 -0.41 13.17
C VAL A 195 -2.96 -0.89 14.13
N PHE A 196 -2.58 -1.54 15.22
CA PHE A 196 -3.56 -2.04 16.18
C PHE A 196 -3.62 -1.07 17.36
N PRO A 197 -4.76 -1.01 18.06
CA PRO A 197 -4.90 -0.11 19.23
C PRO A 197 -3.72 -0.35 20.14
N GLN A 198 -3.33 -1.61 20.26
CA GLN A 198 -2.19 -2.04 21.08
C GLN A 198 -0.92 -1.80 20.25
N LYS A 199 -0.12 -0.82 20.65
CA LYS A 199 1.13 -0.50 19.96
C LYS A 199 2.21 -1.50 20.31
N LYS A 200 3.43 -1.26 19.84
CA LYS A 200 4.56 -2.18 20.09
C LYS A 200 4.38 -3.50 19.34
N VAL A 201 3.50 -3.53 18.34
CA VAL A 201 3.26 -4.73 17.56
C VAL A 201 3.15 -4.33 16.09
N SER A 202 4.28 -4.39 15.39
CA SER A 202 4.35 -4.04 13.97
C SER A 202 3.68 -5.15 13.18
N ALA A 203 2.68 -4.79 12.39
CA ALA A 203 1.96 -5.78 11.61
C ALA A 203 2.30 -5.74 10.13
N VAL A 204 2.04 -6.86 9.48
CA VAL A 204 2.28 -7.04 8.05
C VAL A 204 1.17 -7.93 7.51
N VAL A 205 0.79 -7.70 6.27
CA VAL A 205 -0.25 -8.50 5.62
C VAL A 205 0.45 -9.37 4.60
N ILE A 206 0.21 -10.67 4.65
CA ILE A 206 0.82 -11.58 3.69
C ILE A 206 -0.24 -12.15 2.76
N ARG A 207 -0.05 -11.94 1.46
CA ARG A 207 -0.96 -12.48 0.46
C ARG A 207 -0.15 -13.58 -0.20
N PHE A 208 -0.59 -14.82 0.00
CA PHE A 208 0.09 -15.98 -0.55
C PHE A 208 -0.79 -16.69 -1.57
N GLN A 209 -0.22 -17.00 -2.73
CA GLN A 209 -0.93 -17.72 -3.78
C GLN A 209 -0.18 -19.03 -3.98
N LYS A 210 -0.87 -20.14 -3.80
CA LYS A 210 -0.26 -21.47 -3.93
C LYS A 210 0.07 -21.89 -5.36
N SER A 211 0.86 -21.08 -6.05
CA SER A 211 1.33 -21.33 -7.40
C SER A 211 2.68 -20.65 -7.47
N GLY A 212 3.68 -21.40 -7.00
CA GLY A 212 5.07 -20.95 -6.92
C GLY A 212 5.55 -19.75 -7.70
N LYS A 213 6.45 -19.01 -7.06
CA LYS A 213 7.08 -17.83 -7.65
C LYS A 213 8.08 -17.29 -6.62
N GLY A 214 8.24 -15.96 -6.54
CA GLY A 214 9.19 -15.42 -5.59
C GLY A 214 8.56 -14.64 -4.45
N LEU A 215 9.14 -13.49 -4.15
CA LEU A 215 8.67 -12.63 -3.08
C LEU A 215 8.65 -11.18 -3.53
N SER A 216 7.59 -10.48 -3.18
CA SER A 216 7.45 -9.06 -3.50
C SER A 216 7.28 -8.37 -2.16
N LEU A 217 8.03 -7.30 -1.95
CA LEU A 217 7.96 -6.57 -0.71
C LEU A 217 7.27 -5.24 -1.03
N TRP A 218 6.22 -4.94 -0.26
CA TRP A 218 5.48 -3.72 -0.47
C TRP A 218 5.41 -2.90 0.79
N ASP A 219 5.31 -1.60 0.58
CA ASP A 219 5.15 -0.67 1.66
C ASP A 219 3.71 -0.20 1.47
N THR A 220 3.17 0.47 2.48
CA THR A 220 1.81 1.01 2.40
C THR A 220 1.84 2.46 2.84
N GLN A 221 0.82 3.20 2.44
CA GLN A 221 0.70 4.60 2.82
C GLN A 221 -0.61 4.72 3.58
N GLU A 222 -0.53 5.23 4.80
CA GLU A 222 -1.70 5.42 5.67
C GLU A 222 -2.46 6.64 5.16
N SER A 223 -3.77 6.53 5.06
CA SER A 223 -4.58 7.65 4.58
C SER A 223 -6.01 7.62 5.14
N GLU A 224 -6.74 8.68 4.85
CA GLU A 224 -8.13 8.84 5.30
C GLU A 224 -9.08 7.83 4.64
N SER A 225 -8.65 7.29 3.50
CA SER A 225 -9.45 6.30 2.78
C SER A 225 -9.07 4.87 3.19
N GLY A 226 -7.78 4.65 3.38
CA GLY A 226 -7.29 3.34 3.77
C GLY A 226 -5.80 3.25 3.50
N PHE A 227 -5.36 2.08 3.04
CA PHE A 227 -3.96 1.86 2.74
C PHE A 227 -3.76 1.79 1.24
N THR A 228 -2.64 2.34 0.79
CA THR A 228 -2.28 2.32 -0.62
C THR A 228 -0.94 1.58 -0.69
N PRO A 229 -0.90 0.44 -1.40
CA PRO A 229 0.32 -0.35 -1.52
C PRO A 229 1.33 0.33 -2.43
N ILE A 230 2.60 0.15 -2.11
CA ILE A 230 3.69 0.71 -2.90
C ILE A 230 4.75 -0.40 -2.98
N LEU A 231 5.01 -0.87 -4.20
CA LEU A 231 5.99 -1.93 -4.40
C LEU A 231 7.36 -1.40 -4.00
N TRP A 232 8.05 -2.15 -3.15
CA TRP A 232 9.38 -1.74 -2.70
C TRP A 232 10.44 -2.48 -3.52
N ALA A 233 10.31 -3.81 -3.57
CA ALA A 233 11.26 -4.62 -4.29
C ALA A 233 10.68 -5.99 -4.52
N GLU A 234 11.29 -6.71 -5.45
CA GLU A 234 10.88 -8.06 -5.81
C GLU A 234 12.08 -8.98 -5.80
N TYR A 235 11.90 -10.15 -5.19
CA TYR A 235 12.94 -11.18 -5.07
C TYR A 235 12.39 -12.45 -5.70
N PRO A 236 12.61 -12.63 -7.01
CA PRO A 236 12.13 -13.79 -7.76
C PRO A 236 12.78 -15.11 -7.38
N HIS A 237 13.97 -15.03 -6.80
CA HIS A 237 14.70 -16.22 -6.44
C HIS A 237 14.72 -16.46 -4.94
N TRP A 238 13.78 -15.84 -4.24
CA TRP A 238 13.70 -15.96 -2.79
C TRP A 238 13.52 -17.41 -2.35
N GLU A 239 14.41 -17.88 -1.50
CA GLU A 239 14.36 -19.24 -0.96
C GLU A 239 14.09 -19.30 0.54
N GLY A 240 13.82 -18.17 1.18
CA GLY A 240 13.54 -18.18 2.59
C GLY A 240 14.46 -17.33 3.45
N GLU A 241 15.23 -16.46 2.83
CA GLU A 241 16.13 -15.61 3.61
C GLU A 241 15.36 -14.48 4.28
N ILE A 242 15.99 -13.81 5.25
CA ILE A 242 15.33 -12.73 5.97
C ILE A 242 14.92 -11.63 5.01
N ILE A 243 13.76 -11.06 5.26
CA ILE A 243 13.20 -10.01 4.42
C ILE A 243 13.57 -8.65 5.02
N ARG A 244 14.07 -7.74 4.19
CA ARG A 244 14.45 -6.42 4.65
C ARG A 244 14.09 -5.38 3.62
N PHE A 245 13.97 -4.14 4.07
CA PHE A 245 13.67 -3.03 3.19
C PHE A 245 15.02 -2.47 2.73
N GLU A 246 15.56 -3.07 1.67
CA GLU A 246 16.83 -2.66 1.10
C GLU A 246 16.69 -1.45 0.21
N THR A 247 17.83 -0.84 -0.11
CA THR A 247 17.90 0.33 -0.97
C THR A 247 19.31 0.40 -1.54
N GLU A 248 19.53 1.36 -2.42
CA GLU A 248 20.82 1.59 -3.06
C GLU A 248 21.86 1.92 -1.98
N GLU A 249 21.51 2.83 -1.08
CA GLU A 249 22.40 3.25 0.01
C GLU A 249 22.82 2.03 0.83
N THR A 250 21.81 1.27 1.22
CA THR A 250 21.97 0.06 2.00
C THR A 250 22.98 -0.89 1.36
N ARG A 251 22.81 -1.16 0.06
CA ARG A 251 23.71 -2.05 -0.66
C ARG A 251 25.14 -1.54 -0.72
N LYS A 252 25.30 -0.27 -1.07
CA LYS A 252 26.63 0.30 -1.17
C LYS A 252 27.35 0.13 0.16
N LEU A 253 26.72 0.57 1.24
CA LEU A 253 27.33 0.48 2.57
C LEU A 253 27.74 -0.93 2.94
N GLU A 254 26.95 -1.93 2.54
CA GLU A 254 27.30 -3.30 2.87
C GLU A 254 28.37 -3.82 1.94
N ILE A 255 28.42 -3.25 0.75
CA ILE A 255 29.40 -3.62 -0.27
C ILE A 255 30.80 -3.09 0.07
N SER A 256 30.85 -1.88 0.61
CA SER A 256 32.13 -1.25 0.94
C SER A 256 32.67 -1.55 2.35
N GLY A 257 32.37 -2.72 2.88
CA GLY A 257 32.87 -3.05 4.20
C GLY A 257 32.76 -4.52 4.53
N MET A 258 33.25 -4.90 5.70
CA MET A 258 33.20 -6.30 6.12
C MET A 258 32.14 -6.49 7.19
N PRO A 259 31.41 -7.62 7.13
CA PRO A 259 30.39 -7.86 8.15
C PRO A 259 31.06 -8.00 9.50
N LEU A 260 30.50 -7.30 10.48
CA LEU A 260 31.00 -7.34 11.85
C LEU A 260 31.30 -8.77 12.26
N GLY A 261 30.41 -9.68 11.89
CA GLY A 261 30.56 -11.09 12.25
C GLY A 261 31.79 -11.82 11.69
N ASP A 262 32.50 -11.21 10.76
CA ASP A 262 33.71 -11.83 10.19
C ASP A 262 34.95 -11.32 10.89
N LEU A 263 34.78 -10.33 11.76
CA LEU A 263 35.88 -9.73 12.49
C LEU A 263 35.84 -10.08 13.97
N PHE A 264 34.66 -10.41 14.48
CA PHE A 264 34.45 -10.71 15.90
C PHE A 264 33.71 -11.99 16.25
N HIS A 265 33.90 -12.41 17.50
CA HIS A 265 33.20 -13.57 18.06
C HIS A 265 32.15 -12.86 18.90
N ILE A 266 30.89 -13.16 18.65
CA ILE A 266 29.80 -12.54 19.38
C ILE A 266 29.44 -13.49 20.51
N ARG A 267 29.95 -13.19 21.70
CA ARG A 267 29.71 -14.00 22.88
C ARG A 267 28.55 -13.46 23.71
N PHE A 268 28.04 -14.27 24.64
CA PHE A 268 26.94 -13.86 25.48
C PHE A 268 27.29 -13.80 26.96
N ALA A 269 26.63 -12.87 27.65
CA ALA A 269 26.85 -12.65 29.07
C ALA A 269 26.12 -13.69 29.90
N ALA A 270 26.40 -13.67 31.20
CA ALA A 270 25.77 -14.58 32.14
C ALA A 270 24.53 -13.90 32.71
N ARG A 271 23.48 -14.68 32.91
CA ARG A 271 22.23 -14.16 33.45
C ARG A 271 22.30 -14.03 34.97
N SER A 272 21.40 -13.23 35.54
CA SER A 272 21.33 -13.01 36.98
C SER A 272 21.49 -14.28 37.82
N PRO A 273 20.72 -15.34 37.51
CA PRO A 273 20.84 -16.57 38.29
C PRO A 273 22.28 -17.08 38.42
N GLU A 274 23.04 -17.04 37.33
CA GLU A 274 24.43 -17.49 37.37
C GLU A 274 25.22 -16.64 38.34
N PHE A 275 24.98 -15.34 38.33
CA PHE A 275 25.69 -14.44 39.22
C PHE A 275 25.33 -14.72 40.68
N LYS A 276 24.04 -14.90 40.96
CA LYS A 276 23.58 -15.17 42.31
C LYS A 276 23.99 -16.53 42.85
N LYS A 277 24.58 -17.36 41.99
CA LYS A 277 25.05 -18.70 42.35
C LYS A 277 26.52 -18.65 42.76
N HIS A 278 27.25 -17.66 42.24
CA HIS A 278 28.66 -17.51 42.55
C HIS A 278 28.80 -17.01 43.98
N PRO A 279 29.60 -17.71 44.80
CA PRO A 279 29.87 -17.40 46.22
C PRO A 279 30.42 -16.01 46.49
N ALA A 280 31.26 -15.51 45.59
CA ALA A 280 31.87 -14.19 45.75
C ALA A 280 30.95 -13.02 45.42
N VAL A 281 29.74 -13.33 44.95
CA VAL A 281 28.77 -12.30 44.59
C VAL A 281 28.03 -11.84 45.84
N ARG A 282 28.00 -10.53 46.04
CA ARG A 282 27.34 -9.93 47.19
C ARG A 282 26.18 -9.05 46.72
N LYS A 283 25.20 -8.86 47.62
CA LYS A 283 24.01 -8.04 47.34
C LYS A 283 24.20 -6.64 47.89
N GLU A 284 25.34 -6.38 48.52
CA GLU A 284 25.64 -5.07 49.09
C GLU A 284 27.07 -4.68 48.74
N PRO A 285 27.36 -3.38 48.65
CA PRO A 285 28.71 -2.93 48.32
C PRO A 285 29.72 -3.22 49.43
N GLY A 286 30.96 -2.79 49.21
CA GLY A 286 32.02 -3.01 50.18
C GLY A 286 33.35 -2.77 49.48
N PRO A 287 34.47 -2.86 50.20
CA PRO A 287 35.76 -2.62 49.56
C PRO A 287 36.09 -3.74 48.56
N GLY A 288 36.69 -3.36 47.44
CA GLY A 288 37.08 -4.33 46.43
C GLY A 288 35.97 -4.84 45.51
N LEU A 289 34.73 -4.75 45.96
CA LEU A 289 33.62 -5.21 45.14
C LEU A 289 33.30 -4.25 44.02
N VAL A 290 32.85 -4.81 42.90
CA VAL A 290 32.51 -4.03 41.72
C VAL A 290 31.07 -4.36 41.31
N PRO A 291 30.34 -3.38 40.74
CA PRO A 291 28.95 -3.62 40.33
C PRO A 291 28.78 -4.45 39.08
N VAL A 292 27.79 -5.31 39.06
CA VAL A 292 27.52 -6.13 37.88
C VAL A 292 26.75 -5.19 36.93
N LEU A 293 27.41 -4.74 35.88
CA LEU A 293 26.82 -3.79 34.93
C LEU A 293 25.70 -4.38 34.08
N THR A 294 24.76 -3.52 33.66
CA THR A 294 23.65 -3.93 32.82
C THR A 294 23.51 -2.92 31.70
N GLY A 295 22.46 -3.07 30.90
CA GLY A 295 22.22 -2.19 29.79
C GLY A 295 22.15 -0.72 30.13
N ARG A 296 21.66 -0.40 31.33
CA ARG A 296 21.54 1.00 31.74
C ARG A 296 22.89 1.66 32.00
N ASN A 297 23.95 0.85 32.00
CA ASN A 297 25.32 1.34 32.22
C ASN A 297 26.02 1.55 30.88
N LEU A 298 25.37 1.11 29.81
CA LEU A 298 25.94 1.26 28.48
C LEU A 298 25.32 2.46 27.80
N LYS A 299 26.15 3.43 27.47
CA LYS A 299 25.69 4.63 26.81
C LYS A 299 26.41 4.67 25.46
N PRO A 300 25.97 5.55 24.54
CA PRO A 300 26.60 5.66 23.22
C PRO A 300 28.03 6.19 23.29
N GLY A 301 29.00 5.29 23.28
CA GLY A 301 30.39 5.69 23.33
C GLY A 301 31.08 5.55 24.67
N TRP A 302 30.34 5.21 25.71
CA TRP A 302 30.90 5.05 27.04
C TRP A 302 30.08 4.18 27.96
N VAL A 303 30.67 3.84 29.10
CA VAL A 303 30.04 2.99 30.10
C VAL A 303 29.99 3.71 31.44
N ASP A 304 28.89 3.57 32.16
CA ASP A 304 28.74 4.18 33.46
C ASP A 304 29.07 3.13 34.49
N TYR A 305 30.32 3.10 34.92
CA TYR A 305 30.78 2.14 35.91
C TYR A 305 30.36 2.43 37.34
N GLU A 306 29.73 3.58 37.57
CA GLU A 306 29.34 3.96 38.92
C GLU A 306 27.92 3.62 39.40
N LYS A 307 26.94 3.62 38.51
CA LYS A 307 25.57 3.33 38.93
C LYS A 307 25.20 1.86 38.81
N ASN A 308 24.90 1.24 39.95
CA ASN A 308 24.51 -0.17 40.01
C ASN A 308 23.02 -0.31 39.72
N HIS A 309 22.68 -1.17 38.77
CA HIS A 309 21.29 -1.39 38.39
C HIS A 309 20.91 -2.87 38.53
N SER A 310 21.85 -3.67 39.02
CA SER A 310 21.61 -5.10 39.20
C SER A 310 21.41 -5.45 40.65
N GLY A 311 22.02 -4.67 41.54
CA GLY A 311 21.91 -4.93 42.97
C GLY A 311 22.82 -6.07 43.37
N LEU A 312 23.80 -6.35 42.53
CA LEU A 312 24.77 -7.40 42.77
C LEU A 312 26.14 -6.77 42.63
N TRP A 313 27.07 -7.20 43.49
CA TRP A 313 28.42 -6.68 43.45
C TRP A 313 29.31 -7.89 43.61
N MET A 314 30.50 -7.85 43.02
CA MET A 314 31.42 -8.96 43.15
C MET A 314 32.85 -8.44 42.94
N PRO A 315 33.85 -9.17 43.44
CA PRO A 315 35.23 -8.73 43.27
C PRO A 315 35.57 -8.84 41.78
N LYS A 316 35.89 -7.71 41.17
CA LYS A 316 36.22 -7.62 39.75
C LYS A 316 37.11 -8.74 39.20
N GLU A 317 38.11 -9.12 39.99
CA GLU A 317 39.07 -10.15 39.61
C GLU A 317 38.47 -11.55 39.41
N ARG A 318 37.39 -11.86 40.13
CA ARG A 318 36.78 -13.17 40.02
C ARG A 318 35.73 -13.32 38.91
N ALA A 319 35.60 -12.31 38.07
CA ALA A 319 34.63 -12.35 36.98
C ALA A 319 35.01 -13.41 35.94
N LYS A 320 36.31 -13.56 35.67
CA LYS A 320 36.81 -14.55 34.71
C LYS A 320 36.23 -15.93 34.99
N GLU A 321 35.91 -16.19 36.25
CA GLU A 321 35.37 -17.48 36.64
C GLU A 321 33.99 -17.74 36.08
N LEU A 322 33.28 -16.69 35.67
CA LEU A 322 31.95 -16.86 35.08
C LEU A 322 32.05 -16.88 33.56
N ARG A 323 32.83 -15.96 33.01
CA ARG A 323 33.06 -15.85 31.58
C ARG A 323 34.45 -15.26 31.41
N ASP A 324 35.38 -16.04 30.86
CA ASP A 324 36.74 -15.56 30.68
C ASP A 324 36.89 -14.21 30.00
N PHE A 325 36.03 -13.93 29.01
CA PHE A 325 36.11 -12.65 28.31
C PHE A 325 35.86 -11.43 29.17
N TYR A 326 35.37 -11.64 30.40
CA TYR A 326 35.13 -10.50 31.30
C TYR A 326 36.45 -9.85 31.70
N ALA A 327 37.53 -10.62 31.66
CA ALA A 327 38.87 -10.14 32.02
C ALA A 327 39.56 -9.36 30.91
N THR A 328 38.96 -9.35 29.72
CA THR A 328 39.54 -8.67 28.58
C THR A 328 38.68 -7.47 28.19
N PRO A 329 39.31 -6.28 28.13
CA PRO A 329 38.55 -5.09 27.74
C PRO A 329 38.01 -5.39 26.35
N HIS A 330 36.72 -5.19 26.14
CA HIS A 330 36.15 -5.49 24.84
C HIS A 330 35.01 -4.55 24.47
N LEU A 331 34.53 -4.72 23.25
CA LEU A 331 33.43 -3.93 22.69
C LEU A 331 32.10 -4.52 23.15
N VAL A 332 31.21 -3.65 23.62
CA VAL A 332 29.89 -4.09 24.09
C VAL A 332 28.79 -3.40 23.27
N VAL A 333 27.95 -4.19 22.61
CA VAL A 333 26.86 -3.64 21.81
C VAL A 333 25.54 -4.05 22.46
N ALA A 334 24.61 -3.09 22.54
CA ALA A 334 23.31 -3.32 23.14
C ALA A 334 22.33 -4.14 22.29
N HIS A 335 21.42 -4.82 22.98
CA HIS A 335 20.36 -5.57 22.32
C HIS A 335 19.07 -5.26 23.04
N THR A 336 19.13 -4.28 23.94
CA THR A 336 17.97 -3.87 24.71
C THR A 336 17.39 -2.57 24.14
N LYS A 337 18.28 -1.60 23.89
CA LYS A 337 17.92 -0.27 23.39
C LYS A 337 17.11 -0.18 22.10
N GLY A 338 16.39 -1.23 21.74
CA GLY A 338 15.59 -1.20 20.53
C GLY A 338 16.37 -1.55 19.29
N THR A 339 15.75 -1.38 18.13
CA THR A 339 16.41 -1.65 16.87
C THR A 339 17.30 -0.44 16.67
N ARG A 340 18.35 -0.39 17.47
CA ARG A 340 19.27 0.71 17.47
C ARG A 340 20.68 0.17 17.74
N VAL A 341 21.71 0.91 17.34
CA VAL A 341 23.08 0.46 17.57
C VAL A 341 23.81 1.34 18.59
N VAL A 342 23.89 0.85 19.82
CA VAL A 342 24.57 1.56 20.92
C VAL A 342 25.82 0.77 21.28
N ALA A 343 26.98 1.38 21.05
CA ALA A 343 28.25 0.72 21.32
C ALA A 343 29.21 1.49 22.22
N ALA A 344 30.01 0.73 22.95
CA ALA A 344 31.03 1.27 23.85
C ALA A 344 32.15 0.26 24.03
N TRP A 345 33.30 0.74 24.47
CA TRP A 345 34.46 -0.11 24.69
C TRP A 345 34.62 -0.26 26.19
N ASP A 346 34.46 -1.48 26.69
CA ASP A 346 34.61 -1.69 28.13
C ASP A 346 36.10 -1.77 28.46
N GLU A 347 36.73 -0.61 28.66
CA GLU A 347 38.16 -0.53 28.96
C GLU A 347 38.61 -1.08 30.31
N ARG A 348 37.74 -1.04 31.31
CA ARG A 348 38.09 -1.56 32.63
C ARG A 348 37.78 -3.06 32.78
N ALA A 349 37.04 -3.63 31.85
CA ALA A 349 36.70 -5.05 31.92
C ALA A 349 35.91 -5.43 33.19
N TYR A 350 34.67 -4.95 33.24
CA TYR A 350 33.75 -5.20 34.35
C TYR A 350 32.81 -6.33 33.97
N PRO A 351 32.15 -6.94 34.96
CA PRO A 351 31.21 -8.03 34.68
C PRO A 351 29.85 -7.46 34.23
N TRP A 352 29.26 -8.05 33.20
CA TRP A 352 27.98 -7.62 32.66
C TRP A 352 26.94 -8.71 32.80
N ARG A 353 25.67 -8.31 32.87
CA ARG A 353 24.58 -9.28 33.01
C ARG A 353 23.85 -9.49 31.69
N GLU A 354 24.20 -8.71 30.67
CA GLU A 354 23.53 -8.84 29.39
C GLU A 354 24.30 -8.13 28.28
N GLU A 355 23.61 -7.95 27.15
CA GLU A 355 24.15 -7.30 25.95
C GLU A 355 25.04 -8.23 25.18
N PHE A 356 25.51 -7.76 24.02
CA PHE A 356 26.40 -8.55 23.17
C PHE A 356 27.81 -8.20 23.54
N HIS A 357 28.70 -9.19 23.48
CA HIS A 357 30.10 -8.95 23.80
C HIS A 357 30.94 -9.45 22.61
N LEU A 358 31.68 -8.55 22.00
CA LEU A 358 32.48 -8.86 20.84
C LEU A 358 33.98 -9.00 21.08
N LEU A 359 34.48 -10.22 20.86
CA LEU A 359 35.90 -10.51 21.01
C LEU A 359 36.41 -10.66 19.59
N PRO A 360 37.53 -10.00 19.26
CA PRO A 360 38.13 -10.06 17.91
C PRO A 360 38.61 -11.47 17.56
N LYS A 361 38.53 -11.82 16.28
CA LYS A 361 39.01 -13.14 15.84
C LYS A 361 40.53 -13.02 15.62
N GLU A 362 41.26 -14.12 15.79
CA GLU A 362 42.71 -14.08 15.62
C GLU A 362 43.14 -13.49 14.27
N GLY A 363 44.05 -12.54 14.34
CA GLY A 363 44.54 -11.89 13.13
C GLY A 363 43.82 -10.60 12.86
N VAL A 364 42.65 -10.41 13.47
CA VAL A 364 41.91 -9.19 13.25
C VAL A 364 42.53 -8.08 14.08
N ARG A 365 42.75 -6.96 13.43
CA ARG A 365 43.35 -5.79 14.06
C ARG A 365 42.39 -4.63 13.83
N LEU A 366 42.09 -3.86 14.88
CA LEU A 366 41.17 -2.75 14.73
C LEU A 366 41.41 -1.58 15.66
N ASP A 367 40.81 -0.45 15.31
CA ASP A 367 40.93 0.78 16.10
C ASP A 367 39.64 1.00 16.90
N PRO A 368 39.67 0.63 18.19
CA PRO A 368 38.53 0.77 19.11
C PRO A 368 37.79 2.10 19.06
N SER A 369 38.50 3.19 19.27
CA SER A 369 37.87 4.51 19.27
C SER A 369 37.14 4.85 17.95
N SER A 370 37.78 4.59 16.81
CA SER A 370 37.11 4.90 15.56
C SER A 370 35.99 3.90 15.28
N LEU A 371 36.17 2.65 15.67
CA LEU A 371 35.15 1.63 15.44
C LEU A 371 33.89 2.03 16.19
N VAL A 372 34.03 2.25 17.49
CA VAL A 372 32.91 2.66 18.34
C VAL A 372 32.20 3.87 17.73
N GLN A 373 32.97 4.91 17.42
CA GLN A 373 32.44 6.13 16.82
C GLN A 373 31.58 5.80 15.59
N TRP A 374 32.04 4.85 14.80
CA TRP A 374 31.34 4.40 13.60
C TRP A 374 30.01 3.72 13.93
N LEU A 375 30.05 2.74 14.82
CA LEU A 375 28.85 2.01 15.21
C LEU A 375 27.73 2.90 15.77
N ASN A 376 28.08 4.01 16.41
CA ASN A 376 27.09 4.91 16.99
C ASN A 376 26.74 6.05 16.05
N SER A 377 27.35 6.08 14.86
CA SER A 377 27.08 7.16 13.92
C SER A 377 25.66 7.16 13.41
N GLU A 378 25.22 8.32 12.94
CA GLU A 378 23.87 8.49 12.39
C GLU A 378 23.72 7.61 11.14
N ALA A 379 24.81 7.41 10.42
CA ALA A 379 24.76 6.58 9.22
C ALA A 379 24.43 5.17 9.64
N MET A 380 24.99 4.74 10.76
CA MET A 380 24.75 3.39 11.23
C MET A 380 23.29 3.23 11.68
N GLN A 381 22.76 4.25 12.34
CA GLN A 381 21.36 4.19 12.79
C GLN A 381 20.41 4.16 11.60
N LYS A 382 20.62 5.06 10.63
CA LYS A 382 19.78 5.11 9.43
C LYS A 382 19.80 3.78 8.71
N HIS A 383 20.99 3.20 8.58
CA HIS A 383 21.19 1.92 7.91
C HIS A 383 20.31 0.83 8.52
N VAL A 384 20.34 0.72 9.85
CA VAL A 384 19.57 -0.28 10.56
C VAL A 384 18.06 0.00 10.56
N ARG A 385 17.68 1.26 10.70
CA ARG A 385 16.27 1.61 10.69
C ARG A 385 15.65 1.41 9.31
N THR A 386 16.36 1.80 8.25
CA THR A 386 15.87 1.62 6.89
C THR A 386 15.51 0.15 6.64
N LEU A 387 16.48 -0.71 6.95
CA LEU A 387 16.34 -2.15 6.75
C LEU A 387 15.28 -2.88 7.55
N TYR A 388 15.39 -2.83 8.88
CA TYR A 388 14.49 -3.56 9.77
C TYR A 388 13.33 -2.80 10.39
N ARG A 389 13.29 -1.49 10.19
CA ARG A 389 12.24 -0.66 10.74
C ARG A 389 11.92 -1.06 12.17
N ASP A 390 10.69 -1.48 12.44
CA ASP A 390 10.29 -1.87 13.78
C ASP A 390 9.77 -3.30 13.80
N PHE A 391 10.29 -4.14 12.91
CA PHE A 391 9.86 -5.54 12.83
C PHE A 391 9.92 -6.18 14.20
N VAL A 392 11.03 -5.96 14.89
CA VAL A 392 11.21 -6.52 16.21
C VAL A 392 11.58 -5.39 17.14
N PRO A 393 11.40 -5.59 18.45
CA PRO A 393 11.72 -4.55 19.43
C PRO A 393 13.17 -4.36 19.80
N HIS A 394 14.08 -5.13 19.21
CA HIS A 394 15.49 -4.98 19.56
C HIS A 394 16.44 -5.59 18.55
N LEU A 395 17.67 -5.08 18.53
CA LEU A 395 18.70 -5.55 17.62
C LEU A 395 18.97 -7.02 17.88
N THR A 396 18.88 -7.85 16.84
CA THR A 396 19.15 -9.29 17.02
C THR A 396 20.54 -9.66 16.54
N LEU A 397 20.93 -10.90 16.81
CA LEU A 397 22.22 -11.38 16.41
C LEU A 397 22.39 -11.28 14.89
N ARG A 398 21.43 -11.81 14.13
CA ARG A 398 21.51 -11.77 12.67
C ARG A 398 21.63 -10.36 12.15
N MET A 399 20.95 -9.43 12.82
CA MET A 399 21.00 -8.03 12.44
C MET A 399 22.38 -7.47 12.75
N LEU A 400 22.94 -7.88 13.90
CA LEU A 400 24.25 -7.42 14.34
C LEU A 400 25.41 -7.96 13.51
N GLU A 401 25.48 -9.29 13.38
CA GLU A 401 26.56 -9.95 12.65
C GLU A 401 26.85 -9.44 11.24
N ARG A 402 25.94 -8.70 10.64
CA ARG A 402 26.20 -8.18 9.31
C ARG A 402 26.28 -6.67 9.16
N LEU A 403 26.53 -5.97 10.27
CA LEU A 403 26.69 -4.52 10.21
C LEU A 403 27.99 -4.34 9.45
N PRO A 404 28.05 -3.39 8.53
CA PRO A 404 29.28 -3.19 7.77
C PRO A 404 30.34 -2.38 8.50
N VAL A 405 31.54 -2.93 8.57
CA VAL A 405 32.66 -2.23 9.20
C VAL A 405 33.57 -1.87 8.05
N ARG A 406 33.80 -0.58 7.89
CA ARG A 406 34.66 -0.08 6.82
C ARG A 406 36.11 -0.48 7.11
N ARG A 407 36.91 -0.59 6.05
CA ARG A 407 38.31 -0.97 6.17
C ARG A 407 39.18 -0.11 7.08
N GLU A 408 38.84 1.18 7.22
CA GLU A 408 39.61 2.08 8.06
C GLU A 408 39.29 2.03 9.56
N TYR A 409 38.60 0.98 9.98
CA TYR A 409 38.24 0.81 11.39
C TYR A 409 38.80 -0.52 11.87
N GLY A 410 38.50 -1.57 11.12
CA GLY A 410 38.96 -2.90 11.48
C GLY A 410 39.39 -3.66 10.24
N PHE A 411 40.54 -4.32 10.33
CA PHE A 411 41.09 -5.09 9.21
C PHE A 411 41.60 -6.45 9.68
N HIS A 412 41.45 -7.44 8.81
CA HIS A 412 41.92 -8.79 9.14
C HIS A 412 43.31 -8.98 8.56
N THR A 413 44.31 -8.89 9.43
CA THR A 413 45.70 -9.04 9.02
C THR A 413 46.18 -10.49 9.18
N VAL B 21 6.00 5.77 -8.69
CA VAL B 21 5.72 6.19 -10.10
C VAL B 21 6.87 5.88 -11.06
N GLU B 22 7.80 6.82 -11.25
CA GLU B 22 8.94 6.61 -12.17
C GLU B 22 8.32 6.23 -13.51
N THR B 23 9.05 5.49 -14.34
CA THR B 23 8.52 5.01 -15.60
C THR B 23 9.19 3.68 -15.84
N PRO B 24 8.46 2.59 -15.61
CA PRO B 24 9.00 1.25 -15.80
C PRO B 24 9.57 1.09 -17.21
N PRO B 25 10.64 0.29 -17.35
CA PRO B 25 11.34 0.01 -18.61
C PRO B 25 10.39 -0.41 -19.73
N GLU B 26 9.56 -1.42 -19.45
CA GLU B 26 8.61 -1.90 -20.44
C GLU B 26 7.66 -0.82 -20.92
N VAL B 27 7.24 0.07 -20.02
CA VAL B 27 6.34 1.15 -20.41
C VAL B 27 7.09 2.05 -21.37
N VAL B 28 8.33 2.41 -21.00
CA VAL B 28 9.15 3.26 -21.84
C VAL B 28 9.32 2.60 -23.20
N ASP B 29 9.57 1.30 -23.20
CA ASP B 29 9.75 0.55 -24.45
C ASP B 29 8.49 0.59 -25.29
N PHE B 30 7.35 0.57 -24.62
CA PHE B 30 6.06 0.61 -25.30
C PHE B 30 5.84 1.96 -25.98
N MET B 31 6.09 3.04 -25.24
CA MET B 31 5.92 4.37 -25.77
C MET B 31 6.86 4.68 -26.93
N VAL B 32 8.11 4.26 -26.84
CA VAL B 32 9.08 4.49 -27.92
C VAL B 32 8.71 3.72 -29.19
N SER B 33 7.98 2.61 -29.05
CA SER B 33 7.56 1.83 -30.20
C SER B 33 6.38 2.47 -30.94
N LEU B 34 5.71 3.40 -30.29
CA LEU B 34 4.59 4.12 -30.89
C LEU B 34 5.11 5.45 -31.43
N ALA B 35 6.32 5.82 -31.00
CA ALA B 35 6.94 7.06 -31.42
C ALA B 35 7.47 7.00 -32.84
N GLU B 36 7.35 8.11 -33.55
CA GLU B 36 7.81 8.20 -34.92
C GLU B 36 8.19 9.65 -35.19
N ALA B 37 9.29 9.85 -35.91
CA ALA B 37 9.75 11.19 -36.27
C ALA B 37 10.59 11.09 -37.53
N PRO B 38 10.47 12.07 -38.43
CA PRO B 38 11.23 12.08 -39.68
C PRO B 38 12.71 12.30 -39.38
N ARG B 39 13.58 11.66 -40.16
CA ARG B 39 15.01 11.82 -39.94
C ARG B 39 15.33 13.30 -40.05
N GLY B 40 15.96 13.81 -39.01
CA GLY B 40 16.32 15.23 -38.96
C GLY B 40 15.35 16.00 -38.08
N GLY B 41 14.23 15.36 -37.75
CA GLY B 41 13.22 15.99 -36.91
C GLY B 41 13.70 16.28 -35.51
N ARG B 42 13.00 17.18 -34.84
CA ARG B 42 13.31 17.58 -33.47
C ARG B 42 12.49 16.72 -32.51
N VAL B 43 13.18 16.12 -31.55
CA VAL B 43 12.55 15.27 -30.56
C VAL B 43 12.68 16.00 -29.23
N LEU B 44 11.57 16.11 -28.49
CA LEU B 44 11.59 16.82 -27.22
C LEU B 44 11.05 16.00 -26.05
N GLU B 45 11.70 16.14 -24.90
CA GLU B 45 11.27 15.46 -23.69
C GLU B 45 11.13 16.46 -22.56
N PRO B 46 9.88 16.84 -22.24
CA PRO B 46 9.56 17.80 -21.17
C PRO B 46 9.74 17.17 -19.81
N ALA B 47 10.28 17.92 -18.86
CA ALA B 47 10.47 17.44 -17.50
C ALA B 47 11.32 16.16 -17.56
N CYS B 48 12.32 16.20 -18.43
CA CYS B 48 13.23 15.09 -18.71
C CYS B 48 14.19 14.60 -17.64
N ALA B 49 14.67 15.51 -16.80
CA ALA B 49 15.63 15.16 -15.75
C ALA B 49 16.92 14.63 -16.42
N HIS B 50 17.07 13.31 -16.50
CA HIS B 50 18.26 12.74 -17.12
C HIS B 50 18.01 12.22 -18.53
N GLY B 51 16.82 12.52 -19.06
CA GLY B 51 16.47 12.12 -20.39
C GLY B 51 16.20 10.65 -20.69
N PRO B 52 15.39 9.95 -19.89
CA PRO B 52 15.11 8.52 -20.14
C PRO B 52 14.47 8.22 -21.50
N PHE B 53 13.54 9.06 -21.94
CA PHE B 53 12.88 8.84 -23.23
C PHE B 53 13.80 9.20 -24.41
N LEU B 54 14.60 10.25 -24.23
CA LEU B 54 15.53 10.72 -25.26
C LEU B 54 16.55 9.61 -25.58
N ARG B 55 17.10 9.00 -24.53
CA ARG B 55 18.08 7.93 -24.65
C ARG B 55 17.45 6.69 -25.29
N ALA B 56 16.27 6.31 -24.79
CA ALA B 56 15.55 5.14 -25.30
C ALA B 56 15.21 5.27 -26.79
N PHE B 57 14.79 6.47 -27.19
CA PHE B 57 14.43 6.71 -28.59
C PHE B 57 15.66 6.60 -29.48
N ARG B 58 16.77 7.22 -29.05
CA ARG B 58 18.03 7.19 -29.79
C ARG B 58 18.50 5.75 -29.97
N GLU B 59 18.46 5.01 -28.86
CA GLU B 59 18.86 3.61 -28.85
C GLU B 59 17.89 2.74 -29.63
N ALA B 60 16.80 3.30 -30.12
CA ALA B 60 15.82 2.50 -30.85
C ALA B 60 15.59 2.97 -32.28
N HIS B 61 15.57 4.28 -32.49
CA HIS B 61 15.33 4.81 -33.82
C HIS B 61 16.57 5.39 -34.50
N GLY B 62 17.67 5.46 -33.76
CA GLY B 62 18.89 5.98 -34.34
C GLY B 62 19.34 7.32 -33.79
N THR B 63 20.37 7.87 -34.43
CA THR B 63 20.94 9.15 -34.00
C THR B 63 20.68 10.34 -34.94
N GLY B 64 20.11 10.09 -36.12
CA GLY B 64 19.85 11.18 -37.06
C GLY B 64 18.71 12.10 -36.69
N TYR B 65 18.72 12.62 -35.46
CA TYR B 65 17.67 13.50 -34.97
C TYR B 65 18.26 14.64 -34.11
N ARG B 66 17.47 15.69 -33.95
CA ARG B 66 17.86 16.84 -33.13
C ARG B 66 17.16 16.63 -31.78
N PHE B 67 17.93 16.29 -30.76
CA PHE B 67 17.39 16.03 -29.41
C PHE B 67 17.39 17.23 -28.46
N VAL B 68 16.26 17.46 -27.78
CA VAL B 68 16.12 18.56 -26.83
C VAL B 68 15.43 18.08 -25.55
N GLY B 69 15.82 18.63 -24.42
CA GLY B 69 15.22 18.25 -23.15
C GLY B 69 15.00 19.47 -22.27
N VAL B 70 13.78 19.63 -21.77
CA VAL B 70 13.43 20.76 -20.91
C VAL B 70 13.18 20.29 -19.48
N GLU B 71 13.99 20.78 -18.55
CA GLU B 71 13.89 20.43 -17.14
C GLU B 71 14.00 21.73 -16.32
N ILE B 72 13.28 21.79 -15.22
CA ILE B 72 13.25 22.99 -14.38
C ILE B 72 14.24 23.04 -13.22
N ASP B 73 14.71 21.88 -12.77
CA ASP B 73 15.64 21.79 -11.65
C ASP B 73 17.07 21.50 -12.14
N PRO B 74 18.01 22.41 -11.83
CA PRO B 74 19.43 22.28 -12.22
C PRO B 74 20.05 21.00 -11.66
N LYS B 75 19.55 20.54 -10.53
CA LYS B 75 20.05 19.33 -9.89
C LYS B 75 19.52 18.05 -10.52
N ALA B 76 18.49 18.17 -11.36
CA ALA B 76 17.91 17.00 -12.01
C ALA B 76 18.31 16.88 -13.47
N LEU B 77 18.54 18.03 -14.11
CA LEU B 77 18.94 18.09 -15.50
C LEU B 77 20.30 17.43 -15.66
N ASP B 78 20.32 16.25 -16.27
CA ASP B 78 21.57 15.50 -16.50
C ASP B 78 21.47 14.73 -17.83
N LEU B 79 21.72 15.44 -18.94
CA LEU B 79 21.63 14.85 -20.28
C LEU B 79 22.97 14.65 -20.96
N PRO B 80 23.03 13.72 -21.94
CA PRO B 80 24.27 13.44 -22.66
C PRO B 80 24.60 14.60 -23.61
N PRO B 81 25.85 14.68 -24.10
CA PRO B 81 26.38 15.70 -25.01
C PRO B 81 25.64 15.84 -26.34
N TRP B 82 25.00 14.77 -26.79
CA TRP B 82 24.27 14.79 -28.05
C TRP B 82 22.89 15.43 -27.94
N ALA B 83 22.47 15.74 -26.72
CA ALA B 83 21.15 16.34 -26.49
C ALA B 83 21.26 17.77 -25.97
N GLU B 84 20.39 18.66 -26.45
CA GLU B 84 20.38 20.04 -25.97
C GLU B 84 19.49 20.09 -24.73
N GLY B 85 20.09 20.38 -23.58
CA GLY B 85 19.31 20.47 -22.36
C GLY B 85 18.91 21.91 -22.11
N ILE B 86 17.66 22.15 -21.73
CA ILE B 86 17.21 23.51 -21.46
C ILE B 86 16.64 23.56 -20.05
N LEU B 87 17.11 24.51 -19.27
CA LEU B 87 16.66 24.68 -17.89
C LEU B 87 15.56 25.74 -17.87
N ALA B 88 14.31 25.29 -17.80
CA ALA B 88 13.18 26.21 -17.79
C ALA B 88 11.92 25.50 -17.32
N ASP B 89 10.84 26.25 -17.24
CA ASP B 89 9.54 25.72 -16.83
C ASP B 89 8.85 25.46 -18.15
N PHE B 90 8.66 24.20 -18.49
CA PHE B 90 8.01 23.84 -19.74
C PHE B 90 6.76 24.66 -19.97
N LEU B 91 5.94 24.77 -18.93
CA LEU B 91 4.69 25.52 -19.03
C LEU B 91 4.90 26.99 -19.37
N LEU B 92 6.00 27.57 -18.92
CA LEU B 92 6.30 28.98 -19.21
C LEU B 92 7.24 29.14 -20.41
N TRP B 93 7.90 28.05 -20.80
CA TRP B 93 8.84 28.06 -21.92
C TRP B 93 8.14 28.41 -23.23
N GLU B 94 8.79 29.24 -24.04
CA GLU B 94 8.25 29.65 -25.32
C GLU B 94 9.36 29.68 -26.37
N PRO B 95 9.63 28.52 -26.98
CA PRO B 95 10.68 28.42 -28.01
C PRO B 95 10.25 29.08 -29.31
N GLY B 96 11.21 29.24 -30.21
CA GLY B 96 10.89 29.85 -31.50
C GLY B 96 10.85 28.77 -32.56
N GLU B 97 10.43 27.57 -32.15
CA GLU B 97 10.37 26.43 -33.06
C GLU B 97 9.27 25.47 -32.65
N ALA B 98 8.90 24.59 -33.58
CA ALA B 98 7.88 23.58 -33.35
C ALA B 98 8.59 22.25 -33.44
N PHE B 99 8.04 21.22 -32.83
CA PHE B 99 8.68 19.92 -32.83
C PHE B 99 7.96 18.85 -33.63
N ASP B 100 8.67 17.78 -33.93
CA ASP B 100 8.12 16.67 -34.71
C ASP B 100 7.61 15.57 -33.79
N LEU B 101 8.26 15.44 -32.63
CA LEU B 101 7.88 14.41 -31.68
C LEU B 101 8.13 14.90 -30.28
N ILE B 102 7.20 14.62 -29.38
CA ILE B 102 7.31 15.00 -27.99
C ILE B 102 6.95 13.77 -27.18
N LEU B 103 7.90 13.28 -26.40
CA LEU B 103 7.71 12.09 -25.56
C LEU B 103 7.87 12.54 -24.14
N GLY B 104 7.28 11.81 -23.21
CA GLY B 104 7.46 12.20 -21.83
C GLY B 104 6.46 11.69 -20.83
N ASN B 105 6.78 11.97 -19.58
CA ASN B 105 5.95 11.60 -18.44
C ASN B 105 5.83 12.91 -17.68
N PRO B 106 4.75 13.65 -17.92
CA PRO B 106 4.51 14.94 -17.28
C PRO B 106 4.19 14.79 -15.81
N PRO B 107 4.41 15.85 -15.03
CA PRO B 107 4.15 15.85 -13.59
C PRO B 107 2.66 15.65 -13.35
N TYR B 108 2.31 14.88 -12.34
CA TYR B 108 0.93 14.65 -11.99
C TYR B 108 0.70 15.42 -10.68
N GLY B 109 -0.28 16.32 -10.67
CA GLY B 109 -0.56 17.07 -9.45
C GLY B 109 -1.08 18.48 -9.65
N ILE B 110 -1.22 19.21 -8.55
CA ILE B 110 -1.70 20.60 -8.58
C ILE B 110 -0.53 21.47 -8.12
N VAL B 111 -0.82 22.75 -7.86
CA VAL B 111 0.14 23.74 -7.39
C VAL B 111 1.48 23.75 -8.12
N PHE B 122 4.37 31.94 -3.64
CA PHE B 122 4.87 32.31 -5.00
C PHE B 122 3.91 31.84 -6.08
N LYS B 123 2.64 31.72 -5.70
CA LYS B 123 1.59 31.27 -6.61
C LYS B 123 1.14 32.28 -7.67
N ALA B 124 2.07 33.13 -8.11
CA ALA B 124 1.78 34.08 -9.17
C ALA B 124 1.84 33.17 -10.39
N VAL B 125 2.59 32.09 -10.24
CA VAL B 125 2.77 31.07 -11.27
C VAL B 125 1.43 30.41 -11.58
N LYS B 126 0.64 30.14 -10.54
CA LYS B 126 -0.66 29.51 -10.72
C LYS B 126 -1.53 30.37 -11.62
N ASP B 127 -1.52 31.69 -11.38
CA ASP B 127 -2.28 32.61 -12.19
C ASP B 127 -1.72 32.61 -13.61
N LEU B 128 -0.39 32.56 -13.71
CA LEU B 128 0.27 32.55 -15.00
C LEU B 128 -0.24 31.36 -15.83
N TYR B 129 -0.34 30.20 -15.19
CA TYR B 129 -0.82 28.99 -15.85
C TYR B 129 -2.26 29.19 -16.33
N LYS B 130 -3.14 29.57 -15.42
CA LYS B 130 -4.55 29.82 -15.74
C LYS B 130 -4.65 30.71 -16.97
N LYS B 131 -3.87 31.79 -16.97
CA LYS B 131 -3.87 32.75 -18.06
C LYS B 131 -3.45 32.15 -19.40
N ALA B 132 -2.38 31.37 -19.37
CA ALA B 132 -1.86 30.75 -20.59
C ALA B 132 -2.60 29.51 -21.06
N PHE B 133 -3.26 28.80 -20.14
CA PHE B 133 -3.95 27.58 -20.51
C PHE B 133 -5.47 27.61 -20.56
N SER B 134 -5.98 27.54 -21.79
CA SER B 134 -7.42 27.56 -22.07
C SER B 134 -8.20 26.34 -21.60
N THR B 135 -7.57 25.18 -21.57
CA THR B 135 -8.24 23.97 -21.13
C THR B 135 -8.30 23.87 -19.62
N TRP B 136 -7.71 24.86 -18.94
CA TRP B 136 -7.69 24.88 -17.49
C TRP B 136 -9.09 25.04 -16.91
N LYS B 137 -9.48 24.08 -16.09
CA LYS B 137 -10.79 24.09 -15.46
C LYS B 137 -10.65 23.56 -14.05
N GLY B 138 -11.34 24.20 -13.11
CA GLY B 138 -11.29 23.80 -11.72
C GLY B 138 -9.87 23.78 -11.18
N LYS B 139 -9.60 22.86 -10.25
CA LYS B 139 -8.26 22.74 -9.68
C LYS B 139 -7.34 22.16 -10.76
N TYR B 140 -7.96 21.46 -11.72
CA TYR B 140 -7.25 20.86 -12.85
C TYR B 140 -6.15 19.91 -12.38
N ASN B 141 -5.04 19.85 -13.12
CA ASN B 141 -3.90 19.00 -12.81
C ASN B 141 -2.80 19.35 -13.80
N LEU B 142 -1.56 19.43 -13.33
CA LEU B 142 -0.43 19.78 -14.19
C LEU B 142 -0.30 18.94 -15.46
N TYR B 143 -0.62 17.65 -15.38
CA TYR B 143 -0.50 16.80 -16.56
C TYR B 143 -1.42 17.29 -17.68
N GLY B 144 -2.53 17.92 -17.30
CA GLY B 144 -3.45 18.46 -18.28
C GLY B 144 -2.84 19.66 -18.95
N ALA B 145 -2.11 20.47 -18.18
CA ALA B 145 -1.44 21.67 -18.71
C ALA B 145 -0.28 21.29 -19.63
N PHE B 146 0.45 20.23 -19.26
CA PHE B 146 1.55 19.74 -20.08
C PHE B 146 1.03 19.26 -21.43
N LEU B 147 -0.12 18.59 -21.43
CA LEU B 147 -0.74 18.11 -22.66
C LEU B 147 -1.10 19.25 -23.62
N GLU B 148 -1.79 20.29 -23.12
CA GLU B 148 -2.15 21.43 -23.96
C GLU B 148 -0.91 22.12 -24.51
N LYS B 149 0.06 22.41 -23.65
CA LYS B 149 1.30 23.05 -24.05
C LYS B 149 1.98 22.21 -25.13
N ALA B 150 2.11 20.91 -24.88
CA ALA B 150 2.75 19.99 -25.83
C ALA B 150 2.07 19.98 -27.19
N VAL B 151 0.74 19.95 -27.21
CA VAL B 151 0.01 19.95 -28.49
C VAL B 151 0.24 21.26 -29.25
N ARG B 152 0.58 22.32 -28.53
CA ARG B 152 0.82 23.62 -29.15
C ARG B 152 2.21 23.79 -29.72
N LEU B 153 3.19 23.08 -29.16
CA LEU B 153 4.55 23.15 -29.67
C LEU B 153 4.73 22.14 -30.80
N LEU B 154 3.63 21.47 -31.15
CA LEU B 154 3.62 20.46 -32.20
C LEU B 154 3.40 21.08 -33.56
N LYS B 155 4.20 20.67 -34.53
CA LYS B 155 4.03 21.19 -35.87
C LYS B 155 3.00 20.30 -36.53
N PRO B 156 2.40 20.76 -37.64
CA PRO B 156 1.39 19.94 -38.32
C PRO B 156 1.94 18.55 -38.58
N GLY B 157 1.16 17.53 -38.25
CA GLY B 157 1.61 16.17 -38.46
C GLY B 157 2.50 15.66 -37.34
N GLY B 158 2.83 16.54 -36.38
CA GLY B 158 3.66 16.15 -35.25
C GLY B 158 3.00 15.11 -34.37
N VAL B 159 3.83 14.35 -33.65
CA VAL B 159 3.34 13.27 -32.78
C VAL B 159 3.76 13.50 -31.32
N LEU B 160 2.85 13.19 -30.42
CA LEU B 160 3.05 13.32 -28.97
C LEU B 160 2.71 12.00 -28.32
N VAL B 161 3.57 11.53 -27.43
CA VAL B 161 3.34 10.28 -26.70
C VAL B 161 3.62 10.54 -25.22
N PHE B 162 2.58 10.44 -24.41
CA PHE B 162 2.64 10.70 -22.97
C PHE B 162 1.99 9.59 -22.13
N VAL B 163 2.53 9.35 -20.95
CA VAL B 163 1.97 8.37 -20.00
C VAL B 163 1.36 9.22 -18.87
N VAL B 164 0.03 9.19 -18.77
CA VAL B 164 -0.68 9.99 -17.79
C VAL B 164 -1.78 9.21 -17.07
N PRO B 165 -2.38 9.80 -16.02
CA PRO B 165 -3.45 9.15 -15.27
C PRO B 165 -4.69 9.02 -16.16
N ALA B 166 -5.54 8.05 -15.87
CA ALA B 166 -6.73 7.85 -16.67
C ALA B 166 -7.90 8.78 -16.31
N THR B 167 -7.74 9.55 -15.23
CA THR B 167 -8.79 10.45 -14.77
C THR B 167 -9.41 11.37 -15.82
N TRP B 168 -8.60 11.88 -16.75
CA TRP B 168 -9.11 12.77 -17.79
C TRP B 168 -10.13 12.12 -18.72
N LEU B 169 -10.33 10.81 -18.60
CA LEU B 169 -11.28 10.12 -19.45
C LEU B 169 -12.72 10.36 -19.05
N VAL B 170 -12.96 10.45 -17.73
CA VAL B 170 -14.30 10.65 -17.21
C VAL B 170 -14.56 11.90 -16.36
N LEU B 171 -13.54 12.43 -15.70
CA LEU B 171 -13.75 13.60 -14.85
C LEU B 171 -14.21 14.84 -15.59
N GLU B 172 -15.04 15.63 -14.90
CA GLU B 172 -15.60 16.86 -15.43
C GLU B 172 -14.57 17.98 -15.59
N ASP B 173 -13.55 17.98 -14.74
CA ASP B 173 -12.49 19.00 -14.80
C ASP B 173 -11.64 18.91 -16.06
N PHE B 174 -11.71 17.78 -16.74
CA PHE B 174 -10.92 17.57 -17.96
C PHE B 174 -11.75 17.70 -19.23
N ALA B 175 -12.99 18.18 -19.09
CA ALA B 175 -13.90 18.33 -20.22
C ALA B 175 -13.37 19.21 -21.35
N LEU B 176 -12.80 20.37 -20.99
CA LEU B 176 -12.27 21.29 -21.99
C LEU B 176 -11.07 20.68 -22.71
N LEU B 177 -10.29 19.89 -21.98
CA LEU B 177 -9.12 19.23 -22.51
C LEU B 177 -9.53 18.21 -23.58
N ARG B 178 -10.51 17.37 -23.25
CA ARG B 178 -10.99 16.36 -24.20
C ARG B 178 -11.50 17.04 -25.48
N GLU B 179 -12.14 18.20 -25.34
CA GLU B 179 -12.64 18.95 -26.49
C GLU B 179 -11.48 19.48 -27.29
N PHE B 180 -10.46 19.96 -26.58
CA PHE B 180 -9.26 20.51 -27.18
C PHE B 180 -8.60 19.45 -28.08
N LEU B 181 -8.35 18.28 -27.50
CA LEU B 181 -7.74 17.17 -28.23
C LEU B 181 -8.57 16.71 -29.42
N ALA B 182 -9.88 16.56 -29.22
CA ALA B 182 -10.77 16.13 -30.29
C ALA B 182 -10.71 17.12 -31.43
N ARG B 183 -10.68 18.39 -31.07
CA ARG B 183 -10.63 19.49 -32.04
C ARG B 183 -9.28 19.61 -32.78
N GLU B 184 -8.18 19.32 -32.08
CA GLU B 184 -6.85 19.44 -32.66
C GLU B 184 -6.31 18.30 -33.53
N GLY B 185 -6.72 17.06 -33.28
CA GLY B 185 -6.21 15.97 -34.09
C GLY B 185 -6.72 14.58 -33.75
N LYS B 186 -5.97 13.57 -34.19
CA LYS B 186 -6.30 12.16 -33.94
C LYS B 186 -5.74 11.76 -32.58
N THR B 187 -6.55 11.06 -31.79
CA THR B 187 -6.13 10.65 -30.47
C THR B 187 -6.25 9.13 -30.27
N SER B 188 -5.18 8.51 -29.78
CA SER B 188 -5.20 7.09 -29.49
C SER B 188 -4.91 6.94 -28.00
N VAL B 189 -5.78 6.24 -27.31
CA VAL B 189 -5.65 6.02 -25.88
C VAL B 189 -5.41 4.53 -25.64
N TYR B 190 -4.30 4.22 -24.97
CA TYR B 190 -3.91 2.85 -24.64
C TYR B 190 -4.00 2.66 -23.13
N TYR B 191 -4.93 1.83 -22.68
CA TYR B 191 -5.09 1.58 -21.25
C TYR B 191 -3.95 0.70 -20.74
N LEU B 192 -3.26 1.16 -19.71
CA LEU B 192 -2.16 0.42 -19.11
C LEU B 192 -2.60 -0.07 -17.73
N GLY B 193 -3.27 0.83 -16.99
CA GLY B 193 -3.74 0.47 -15.68
C GLY B 193 -2.77 0.91 -14.61
N GLU B 194 -2.77 0.19 -13.48
CA GLU B 194 -1.88 0.51 -12.37
C GLU B 194 -0.52 -0.15 -12.55
N VAL B 195 0.30 0.44 -13.41
CA VAL B 195 1.63 -0.09 -13.71
C VAL B 195 2.78 0.60 -12.98
N PHE B 196 2.49 1.65 -12.22
CA PHE B 196 3.51 2.36 -11.47
C PHE B 196 3.70 1.67 -10.12
N PRO B 197 4.89 1.80 -9.53
CA PRO B 197 5.19 1.18 -8.23
C PRO B 197 4.07 1.50 -7.26
N GLN B 198 3.69 2.78 -7.18
CA GLN B 198 2.61 3.17 -6.29
C GLN B 198 1.27 2.88 -6.98
N LYS B 199 0.43 2.08 -6.32
CA LYS B 199 -0.87 1.71 -6.85
C LYS B 199 -1.90 2.82 -6.69
N LYS B 200 -3.14 2.53 -7.08
CA LYS B 200 -4.25 3.50 -7.03
C LYS B 200 -4.05 4.67 -8.01
N VAL B 201 -3.24 4.42 -9.04
CA VAL B 201 -2.96 5.39 -10.09
C VAL B 201 -3.01 4.59 -11.37
N SER B 202 -4.16 4.59 -12.04
CA SER B 202 -4.32 3.87 -13.29
C SER B 202 -3.76 4.74 -14.40
N ALA B 203 -2.78 4.21 -15.11
CA ALA B 203 -2.13 4.95 -16.18
C ALA B 203 -2.69 4.62 -17.56
N VAL B 204 -2.52 5.56 -18.47
CA VAL B 204 -3.00 5.41 -19.82
C VAL B 204 -1.94 6.10 -20.69
N VAL B 205 -1.65 5.52 -21.85
CA VAL B 205 -0.69 6.12 -22.77
C VAL B 205 -1.53 6.79 -23.84
N ILE B 206 -1.26 8.05 -24.11
CA ILE B 206 -1.97 8.78 -25.14
C ILE B 206 -1.02 9.09 -26.29
N ARG B 207 -1.37 8.66 -27.50
CA ARG B 207 -0.57 8.97 -28.68
C ARG B 207 -1.39 9.95 -29.48
N PHE B 208 -0.85 11.14 -29.71
CA PHE B 208 -1.56 12.18 -30.43
C PHE B 208 -0.81 12.67 -31.66
N GLN B 209 -1.55 12.83 -32.76
CA GLN B 209 -0.99 13.33 -34.00
C GLN B 209 -1.77 14.57 -34.40
N LYS B 210 -1.06 15.68 -34.56
CA LYS B 210 -1.67 16.96 -34.90
C LYS B 210 -2.11 17.05 -36.36
N SER B 211 -3.03 16.17 -36.75
CA SER B 211 -3.58 16.14 -38.10
C SER B 211 -4.62 15.05 -38.18
N GLY B 212 -5.85 15.43 -38.52
CA GLY B 212 -6.90 14.44 -38.62
C GLY B 212 -7.83 14.57 -37.45
N LYS B 213 -8.70 13.59 -37.27
CA LYS B 213 -9.65 13.61 -36.16
C LYS B 213 -10.05 12.19 -35.84
N GLY B 214 -10.58 11.99 -34.66
CA GLY B 214 -11.02 10.67 -34.27
C GLY B 214 -10.45 10.26 -32.92
N LEU B 215 -10.81 9.06 -32.48
CA LEU B 215 -10.36 8.55 -31.21
C LEU B 215 -10.42 7.05 -31.36
N SER B 216 -9.34 6.38 -30.98
CA SER B 216 -9.27 4.93 -31.02
C SER B 216 -8.97 4.53 -29.58
N LEU B 217 -9.74 3.59 -29.04
CA LEU B 217 -9.50 3.15 -27.68
C LEU B 217 -8.84 1.79 -27.79
N TRP B 218 -7.70 1.63 -27.12
CA TRP B 218 -6.96 0.38 -27.16
C TRP B 218 -6.79 -0.19 -25.76
N ASP B 219 -6.74 -1.51 -25.72
CA ASP B 219 -6.53 -2.24 -24.49
C ASP B 219 -5.09 -2.75 -24.64
N THR B 220 -4.50 -3.25 -23.57
CA THR B 220 -3.14 -3.78 -23.67
C THR B 220 -3.05 -5.05 -22.86
N GLN B 221 -2.17 -5.94 -23.29
CA GLN B 221 -1.96 -7.20 -22.64
C GLN B 221 -0.51 -7.18 -22.18
N GLU B 222 -0.30 -7.36 -20.88
CA GLU B 222 1.05 -7.38 -20.31
C GLU B 222 1.57 -8.81 -20.38
N SER B 223 2.83 -8.96 -20.80
CA SER B 223 3.44 -10.28 -20.93
C SER B 223 4.92 -10.21 -20.57
N GLU B 224 5.59 -11.36 -20.60
CA GLU B 224 7.03 -11.42 -20.29
C GLU B 224 7.80 -10.51 -21.24
N SER B 225 7.19 -10.23 -22.39
CA SER B 225 7.79 -9.38 -23.41
C SER B 225 7.40 -7.90 -23.32
N GLY B 226 6.46 -7.57 -22.46
CA GLY B 226 6.04 -6.18 -22.34
C GLY B 226 4.56 -6.05 -22.62
N PHE B 227 4.16 -4.98 -23.31
CA PHE B 227 2.75 -4.77 -23.62
C PHE B 227 2.38 -4.98 -25.06
N THR B 228 1.22 -5.60 -25.27
CA THR B 228 0.69 -5.88 -26.59
C THR B 228 -0.63 -5.13 -26.71
N PRO B 229 -0.77 -4.27 -27.73
CA PRO B 229 -1.97 -3.47 -27.99
C PRO B 229 -3.10 -4.31 -28.60
N ILE B 230 -4.32 -4.02 -28.17
CA ILE B 230 -5.50 -4.73 -28.66
C ILE B 230 -6.55 -3.64 -28.88
N LEU B 231 -6.87 -3.37 -30.15
CA LEU B 231 -7.86 -2.34 -30.48
C LEU B 231 -9.20 -2.69 -29.90
N TRP B 232 -9.76 -1.77 -29.13
CA TRP B 232 -11.06 -1.99 -28.50
C TRP B 232 -12.16 -1.38 -29.35
N ALA B 233 -12.08 -0.08 -29.59
CA ALA B 233 -13.12 0.58 -30.38
C ALA B 233 -12.66 1.92 -30.91
N GLU B 234 -13.26 2.35 -32.01
CA GLU B 234 -12.92 3.63 -32.61
C GLU B 234 -14.10 4.58 -32.66
N TYR B 235 -13.82 5.86 -32.42
CA TYR B 235 -14.83 6.92 -32.42
C TYR B 235 -14.37 8.01 -33.37
N PRO B 236 -14.71 7.88 -34.66
CA PRO B 236 -14.33 8.84 -35.70
C PRO B 236 -14.91 10.23 -35.49
N HIS B 237 -16.06 10.29 -34.82
CA HIS B 237 -16.73 11.56 -34.60
C HIS B 237 -16.57 12.04 -33.17
N TRP B 238 -15.51 11.60 -32.51
CA TRP B 238 -15.28 12.00 -31.13
C TRP B 238 -15.12 13.52 -31.07
N GLU B 239 -15.78 14.15 -30.11
CA GLU B 239 -15.68 15.60 -29.94
C GLU B 239 -15.52 16.04 -28.49
N GLY B 240 -14.86 15.21 -27.68
CA GLY B 240 -14.64 15.55 -26.29
C GLY B 240 -15.45 14.75 -25.28
N GLU B 241 -16.35 13.90 -25.76
CA GLU B 241 -17.19 13.10 -24.87
C GLU B 241 -16.40 12.15 -23.98
N ILE B 242 -16.96 11.85 -22.81
CA ILE B 242 -16.38 10.92 -21.85
C ILE B 242 -15.96 9.66 -22.62
N ILE B 243 -14.86 9.05 -22.20
CA ILE B 243 -14.33 7.85 -22.84
C ILE B 243 -14.60 6.64 -21.97
N ARG B 244 -15.23 5.62 -22.55
CA ARG B 244 -15.57 4.41 -21.80
C ARG B 244 -15.30 3.17 -22.62
N PHE B 245 -15.15 2.04 -21.92
CA PHE B 245 -14.94 0.77 -22.59
C PHE B 245 -16.33 0.18 -22.76
N GLU B 246 -16.94 0.46 -23.91
CA GLU B 246 -18.27 -0.04 -24.22
C GLU B 246 -18.24 -1.41 -24.86
N THR B 247 -19.37 -2.10 -24.81
CA THR B 247 -19.47 -3.43 -25.42
C THR B 247 -20.92 -3.60 -25.88
N GLU B 248 -21.25 -4.78 -26.36
CA GLU B 248 -22.60 -5.05 -26.81
C GLU B 248 -23.55 -5.09 -25.60
N GLU B 249 -23.12 -5.75 -24.52
CA GLU B 249 -23.93 -5.85 -23.31
C GLU B 249 -24.18 -4.47 -22.72
N THR B 250 -23.12 -3.69 -22.63
CA THR B 250 -23.19 -2.33 -22.10
C THR B 250 -24.25 -1.53 -22.84
N ARG B 251 -24.18 -1.53 -24.17
CA ARG B 251 -25.13 -0.80 -25.01
C ARG B 251 -26.57 -1.29 -24.93
N LYS B 252 -26.77 -2.60 -24.82
CA LYS B 252 -28.12 -3.14 -24.71
C LYS B 252 -28.74 -2.64 -23.40
N LEU B 253 -28.01 -2.83 -22.31
CA LEU B 253 -28.50 -2.42 -21.00
C LEU B 253 -28.89 -0.95 -20.98
N GLU B 254 -28.04 -0.10 -21.53
CA GLU B 254 -28.33 1.33 -21.53
C GLU B 254 -29.49 1.66 -22.45
N ILE B 255 -29.66 0.87 -23.50
CA ILE B 255 -30.75 1.08 -24.46
C ILE B 255 -32.08 0.63 -23.87
N SER B 256 -32.11 -0.57 -23.30
CA SER B 256 -33.36 -1.08 -22.73
C SER B 256 -33.57 -0.60 -21.29
N GLY B 257 -33.54 0.71 -21.08
CA GLY B 257 -33.74 1.24 -19.75
C GLY B 257 -33.62 2.75 -19.75
N MET B 258 -34.06 3.37 -18.66
CA MET B 258 -33.99 4.82 -18.54
C MET B 258 -32.87 5.24 -17.62
N PRO B 259 -32.20 6.36 -17.94
CA PRO B 259 -31.10 6.86 -17.11
C PRO B 259 -31.61 7.25 -15.74
N LEU B 260 -30.87 6.87 -14.69
CA LEU B 260 -31.23 7.20 -13.33
C LEU B 260 -31.37 8.72 -13.20
N GLY B 261 -30.57 9.43 -13.98
CA GLY B 261 -30.60 10.89 -13.95
C GLY B 261 -31.88 11.48 -14.48
N ASP B 262 -32.75 10.65 -15.05
CA ASP B 262 -34.03 11.12 -15.58
C ASP B 262 -35.13 10.94 -14.57
N LEU B 263 -34.94 10.00 -13.64
CA LEU B 263 -35.94 9.73 -12.62
C LEU B 263 -35.64 10.45 -11.31
N PHE B 264 -34.40 10.82 -11.09
CA PHE B 264 -34.03 11.46 -9.83
C PHE B 264 -33.23 12.75 -9.85
N HIS B 265 -33.33 13.46 -8.72
CA HIS B 265 -32.59 14.69 -8.49
C HIS B 265 -31.44 14.21 -7.63
N ILE B 266 -30.21 14.35 -8.13
CA ILE B 266 -29.06 13.91 -7.37
C ILE B 266 -28.53 15.05 -6.54
N ARG B 267 -28.76 14.96 -5.24
CA ARG B 267 -28.32 15.97 -4.29
C ARG B 267 -27.10 15.50 -3.52
N PHE B 268 -26.40 16.46 -2.92
CA PHE B 268 -25.21 16.18 -2.10
C PHE B 268 -25.52 16.54 -0.66
N ALA B 269 -24.85 15.86 0.27
CA ALA B 269 -25.06 16.08 1.70
C ALA B 269 -24.27 17.28 2.21
N ALA B 270 -24.62 17.77 3.39
CA ALA B 270 -23.93 18.88 3.99
C ALA B 270 -22.67 18.31 4.61
N ARG B 271 -21.63 19.12 4.75
CA ARG B 271 -20.39 18.64 5.34
C ARG B 271 -20.21 19.04 6.80
N SER B 272 -19.35 18.32 7.50
CA SER B 272 -19.06 18.54 8.92
C SER B 272 -19.12 19.98 9.43
N PRO B 273 -18.39 20.91 8.79
CA PRO B 273 -18.47 22.29 9.28
C PRO B 273 -19.91 22.74 9.46
N GLU B 274 -20.73 22.49 8.45
CA GLU B 274 -22.15 22.87 8.50
C GLU B 274 -22.81 22.23 9.70
N PHE B 275 -22.56 20.95 9.91
CA PHE B 275 -23.15 20.24 11.05
C PHE B 275 -22.54 20.77 12.35
N LYS B 276 -21.24 21.00 12.34
CA LYS B 276 -20.54 21.51 13.52
C LYS B 276 -20.92 22.95 13.82
N LYS B 277 -21.67 23.57 12.90
CA LYS B 277 -22.13 24.95 13.04
C LYS B 277 -23.59 25.01 13.46
N HIS B 278 -24.27 23.87 13.42
CA HIS B 278 -25.68 23.82 13.79
C HIS B 278 -25.84 23.71 15.31
N PRO B 279 -26.48 24.70 15.93
CA PRO B 279 -26.74 24.78 17.39
C PRO B 279 -27.35 23.53 18.03
N ALA B 280 -27.98 22.68 17.23
CA ALA B 280 -28.61 21.46 17.73
C ALA B 280 -27.73 20.22 17.71
N VAL B 281 -26.60 20.31 17.02
CA VAL B 281 -25.66 19.19 16.87
C VAL B 281 -24.78 19.01 18.11
N ARG B 282 -24.75 17.77 18.62
CA ARG B 282 -23.98 17.42 19.81
C ARG B 282 -22.84 16.44 19.50
N LYS B 283 -21.77 16.54 20.27
CA LYS B 283 -20.60 15.69 20.12
C LYS B 283 -20.71 14.42 20.96
N GLU B 284 -21.74 14.34 21.77
CA GLU B 284 -21.97 13.19 22.62
C GLU B 284 -23.41 12.73 22.44
N PRO B 285 -23.69 11.43 22.66
CA PRO B 285 -25.05 10.94 22.49
C PRO B 285 -26.02 11.47 23.55
N GLY B 286 -27.26 11.02 23.45
CA GLY B 286 -28.28 11.43 24.38
C GLY B 286 -29.62 10.98 23.83
N PRO B 287 -30.66 10.90 24.68
CA PRO B 287 -31.97 10.48 24.21
C PRO B 287 -32.54 11.57 23.29
N GLY B 288 -33.16 11.14 22.20
CA GLY B 288 -33.72 12.11 21.27
C GLY B 288 -32.67 12.53 20.26
N LEU B 289 -31.42 12.17 20.50
CA LEU B 289 -30.34 12.51 19.59
C LEU B 289 -30.14 11.37 18.61
N VAL B 290 -29.97 11.73 17.34
CA VAL B 290 -29.79 10.77 16.26
C VAL B 290 -28.38 10.94 15.67
N PRO B 291 -27.70 9.83 15.36
CA PRO B 291 -26.35 9.90 14.79
C PRO B 291 -26.29 10.44 13.35
N VAL B 292 -25.27 11.24 13.05
CA VAL B 292 -25.09 11.76 11.70
C VAL B 292 -24.38 10.62 10.94
N LEU B 293 -25.10 10.03 10.00
CA LEU B 293 -24.58 8.89 9.24
C LEU B 293 -23.50 9.22 8.22
N THR B 294 -22.69 8.22 7.90
CA THR B 294 -21.60 8.33 6.94
C THR B 294 -21.62 7.08 6.07
N GLY B 295 -20.67 7.00 5.16
CA GLY B 295 -20.57 5.84 4.28
C GLY B 295 -20.43 4.49 4.95
N ARG B 296 -19.94 4.47 6.19
CA ARG B 296 -19.79 3.21 6.90
C ARG B 296 -21.14 2.71 7.45
N ASN B 297 -22.17 3.53 7.32
CA ASN B 297 -23.50 3.16 7.79
C ASN B 297 -24.29 2.59 6.63
N LEU B 298 -23.84 2.92 5.42
CA LEU B 298 -24.49 2.46 4.19
C LEU B 298 -23.92 1.11 3.81
N LYS B 299 -24.80 0.13 3.70
CA LYS B 299 -24.40 -1.22 3.31
C LYS B 299 -25.15 -1.55 2.03
N PRO B 300 -24.78 -2.66 1.37
CA PRO B 300 -25.46 -3.04 0.13
C PRO B 300 -26.86 -3.50 0.47
N GLY B 301 -27.84 -2.61 0.29
CA GLY B 301 -29.21 -2.97 0.57
C GLY B 301 -29.79 -2.52 1.90
N TRP B 302 -28.96 -2.03 2.82
CA TRP B 302 -29.45 -1.56 4.11
C TRP B 302 -28.59 -0.46 4.74
N VAL B 303 -29.15 0.19 5.76
CA VAL B 303 -28.46 1.27 6.45
C VAL B 303 -28.30 0.92 7.92
N ASP B 304 -27.09 1.03 8.43
CA ASP B 304 -26.87 0.74 9.84
C ASP B 304 -27.05 2.03 10.61
N TYR B 305 -28.25 2.23 11.13
CA TYR B 305 -28.62 3.43 11.87
C TYR B 305 -28.02 3.50 13.26
N GLU B 306 -27.51 2.38 13.75
CA GLU B 306 -26.96 2.35 15.10
C GLU B 306 -25.56 2.94 15.25
N LYS B 307 -24.55 2.20 14.78
CA LYS B 307 -23.16 2.63 14.89
C LYS B 307 -22.89 4.05 14.38
N ASN B 308 -22.26 4.85 15.24
CA ASN B 308 -21.91 6.23 14.92
C ASN B 308 -20.47 6.25 14.42
N HIS B 309 -20.21 6.94 13.32
CA HIS B 309 -18.86 7.01 12.77
C HIS B 309 -18.38 8.46 12.62
N SER B 310 -19.26 9.41 12.94
CA SER B 310 -18.94 10.83 12.80
C SER B 310 -18.64 11.53 14.12
N GLY B 311 -19.18 11.01 15.21
CA GLY B 311 -18.96 11.64 16.50
C GLY B 311 -19.88 12.83 16.66
N LEU B 312 -20.85 12.95 15.75
CA LEU B 312 -21.81 14.03 15.78
C LEU B 312 -23.18 13.40 15.93
N TRP B 313 -24.00 14.00 16.78
CA TRP B 313 -25.36 13.54 17.05
C TRP B 313 -26.23 14.77 17.01
N MET B 314 -27.50 14.62 16.65
CA MET B 314 -28.40 15.77 16.61
C MET B 314 -29.84 15.29 16.59
N PRO B 315 -30.79 16.16 16.98
CA PRO B 315 -32.19 15.76 16.97
C PRO B 315 -32.65 15.64 15.52
N LYS B 316 -32.96 14.41 15.13
CA LYS B 316 -33.42 14.08 13.78
C LYS B 316 -34.31 15.16 13.16
N GLU B 317 -35.31 15.60 13.91
CA GLU B 317 -36.25 16.61 13.43
C GLU B 317 -35.63 17.89 12.87
N ARG B 318 -34.48 18.28 13.40
CA ARG B 318 -33.86 19.51 12.96
C ARG B 318 -32.85 19.40 11.82
N ALA B 319 -32.72 18.20 11.27
CA ALA B 319 -31.80 17.94 10.16
C ALA B 319 -32.30 18.66 8.90
N LYS B 320 -33.61 18.88 8.86
CA LYS B 320 -34.28 19.55 7.75
C LYS B 320 -33.75 20.98 7.57
N GLU B 321 -33.17 21.52 8.64
CA GLU B 321 -32.63 22.86 8.65
C GLU B 321 -31.26 23.00 7.96
N LEU B 322 -30.72 21.88 7.50
CA LEU B 322 -29.43 21.88 6.81
C LEU B 322 -29.70 21.60 5.33
N ARG B 323 -30.47 20.55 5.08
CA ARG B 323 -30.86 20.15 3.75
C ARG B 323 -32.29 19.68 3.83
N ASP B 324 -33.16 20.32 3.06
CA ASP B 324 -34.58 19.99 3.02
C ASP B 324 -34.86 18.48 2.88
N PHE B 325 -34.19 17.84 1.91
CA PHE B 325 -34.39 16.42 1.66
C PHE B 325 -34.10 15.49 2.83
N TYR B 326 -33.47 16.01 3.88
CA TYR B 326 -33.16 15.19 5.04
C TYR B 326 -34.44 14.75 5.77
N ALA B 327 -35.53 15.48 5.52
CA ALA B 327 -36.83 15.18 6.14
C ALA B 327 -37.63 14.11 5.39
N THR B 328 -37.13 13.72 4.21
CA THR B 328 -37.80 12.76 3.34
C THR B 328 -37.06 11.43 3.18
N PRO B 329 -37.77 10.30 3.35
CA PRO B 329 -37.13 8.99 3.19
C PRO B 329 -36.74 8.92 1.71
N HIS B 330 -35.50 8.55 1.42
CA HIS B 330 -35.05 8.50 0.03
C HIS B 330 -33.94 7.50 -0.23
N LEU B 331 -33.47 7.48 -1.47
CA LEU B 331 -32.42 6.58 -1.95
C LEU B 331 -31.02 7.16 -1.73
N VAL B 332 -30.11 6.32 -1.25
CA VAL B 332 -28.73 6.73 -1.00
C VAL B 332 -27.81 5.80 -1.78
N VAL B 333 -26.95 6.38 -2.60
CA VAL B 333 -25.98 5.65 -3.39
C VAL B 333 -24.62 6.13 -2.94
N ALA B 334 -23.69 5.22 -2.76
CA ALA B 334 -22.35 5.58 -2.31
C ALA B 334 -21.39 6.08 -3.39
N HIS B 335 -20.42 6.90 -2.97
CA HIS B 335 -19.38 7.39 -3.85
C HIS B 335 -18.03 7.21 -3.16
N THR B 336 -18.07 6.68 -1.94
CA THR B 336 -16.86 6.46 -1.15
C THR B 336 -16.39 5.01 -1.20
N LYS B 337 -17.09 4.17 -1.97
CA LYS B 337 -16.72 2.76 -2.03
C LYS B 337 -16.10 2.32 -3.34
N GLY B 338 -15.46 3.24 -4.05
CA GLY B 338 -14.83 2.88 -5.30
C GLY B 338 -15.80 2.84 -6.46
N THR B 339 -15.36 2.25 -7.57
CA THR B 339 -16.18 2.13 -8.76
C THR B 339 -17.10 0.94 -8.55
N ARG B 340 -18.05 1.12 -7.64
CA ARG B 340 -18.99 0.07 -7.27
C ARG B 340 -20.29 0.77 -6.91
N VAL B 341 -21.42 0.15 -7.22
CA VAL B 341 -22.72 0.75 -6.90
C VAL B 341 -23.26 0.08 -5.65
N VAL B 342 -23.38 0.85 -4.59
CA VAL B 342 -23.89 0.39 -3.30
C VAL B 342 -25.07 1.29 -2.98
N ALA B 343 -26.27 0.72 -3.04
CA ALA B 343 -27.48 1.49 -2.78
C ALA B 343 -28.33 0.96 -1.64
N ALA B 344 -29.00 1.89 -0.96
CA ALA B 344 -29.88 1.55 0.14
C ALA B 344 -30.95 2.64 0.24
N TRP B 345 -32.11 2.27 0.78
CA TRP B 345 -33.22 3.18 0.97
C TRP B 345 -33.25 3.69 2.41
N ASP B 346 -33.14 5.00 2.59
CA ASP B 346 -33.16 5.56 3.94
C ASP B 346 -34.62 5.74 4.35
N GLU B 347 -35.21 4.65 4.84
CA GLU B 347 -36.60 4.64 5.27
C GLU B 347 -36.91 5.59 6.42
N ARG B 348 -35.95 5.77 7.32
CA ARG B 348 -36.14 6.66 8.47
C ARG B 348 -35.81 8.11 8.19
N ALA B 349 -35.07 8.38 7.12
CA ALA B 349 -34.68 9.75 6.77
C ALA B 349 -33.77 10.39 7.84
N TYR B 350 -32.60 9.78 8.04
CA TYR B 350 -31.60 10.25 8.99
C TYR B 350 -30.69 11.26 8.29
N PRO B 351 -29.95 12.07 9.06
CA PRO B 351 -29.03 13.06 8.50
C PRO B 351 -27.72 12.38 8.07
N TRP B 352 -27.19 12.75 6.90
CA TRP B 352 -25.97 12.16 6.36
C TRP B 352 -24.87 13.19 6.19
N ARG B 353 -23.62 12.74 6.30
CA ARG B 353 -22.46 13.61 6.15
C ARG B 353 -21.86 13.48 4.75
N GLU B 354 -22.36 12.53 3.98
CA GLU B 354 -21.82 12.30 2.64
C GLU B 354 -22.72 11.43 1.75
N GLU B 355 -22.13 10.90 0.67
CA GLU B 355 -22.77 10.04 -0.32
C GLU B 355 -23.73 10.81 -1.24
N PHE B 356 -24.31 10.10 -2.20
CA PHE B 356 -25.25 10.70 -3.16
C PHE B 356 -26.66 10.54 -2.67
N HIS B 357 -27.45 11.61 -2.78
CA HIS B 357 -28.84 11.53 -2.32
C HIS B 357 -29.80 11.75 -3.47
N LEU B 358 -30.56 10.70 -3.77
CA LEU B 358 -31.51 10.73 -4.88
C LEU B 358 -32.96 10.97 -4.47
N LEU B 359 -33.52 12.06 -4.99
CA LEU B 359 -34.90 12.44 -4.75
C LEU B 359 -35.65 12.27 -6.07
N PRO B 360 -36.78 11.57 -6.05
CA PRO B 360 -37.57 11.33 -7.28
C PRO B 360 -38.07 12.64 -7.91
N LYS B 361 -38.17 12.64 -9.24
CA LYS B 361 -38.67 13.80 -9.95
C LYS B 361 -40.19 13.75 -9.94
N GLU B 362 -40.82 14.90 -10.14
CA GLU B 362 -42.28 14.96 -10.14
C GLU B 362 -42.88 14.10 -11.25
N GLY B 363 -43.81 13.23 -10.87
CA GLY B 363 -44.44 12.36 -11.84
C GLY B 363 -43.76 11.02 -11.95
N VAL B 364 -42.76 10.77 -11.13
CA VAL B 364 -42.06 9.50 -11.19
C VAL B 364 -42.57 8.60 -10.09
N ARG B 365 -43.16 7.48 -10.48
CA ARG B 365 -43.66 6.51 -9.52
C ARG B 365 -42.69 5.35 -9.57
N LEU B 366 -42.36 4.78 -8.41
CA LEU B 366 -41.41 3.68 -8.36
C LEU B 366 -41.56 2.72 -7.20
N ASP B 367 -40.95 1.54 -7.34
CA ASP B 367 -40.96 0.52 -6.30
C ASP B 367 -39.55 0.50 -5.71
N PRO B 368 -39.34 1.18 -4.57
CA PRO B 368 -38.04 1.25 -3.90
C PRO B 368 -37.30 -0.08 -3.71
N SER B 369 -38.01 -1.11 -3.24
CA SER B 369 -37.37 -2.41 -3.00
C SER B 369 -36.73 -3.04 -4.25
N SER B 370 -37.42 -2.97 -5.38
CA SER B 370 -36.93 -3.53 -6.62
C SER B 370 -35.78 -2.69 -7.18
N LEU B 371 -35.90 -1.38 -7.05
CA LEU B 371 -34.87 -0.47 -7.53
C LEU B 371 -33.53 -0.80 -6.86
N VAL B 372 -33.51 -0.73 -5.53
CA VAL B 372 -32.32 -1.01 -4.73
C VAL B 372 -31.72 -2.36 -5.12
N GLN B 373 -32.54 -3.39 -5.17
CA GLN B 373 -32.10 -4.73 -5.54
C GLN B 373 -31.39 -4.67 -6.91
N TRP B 374 -32.00 -3.95 -7.83
CA TRP B 374 -31.48 -3.77 -9.19
C TRP B 374 -30.10 -3.08 -9.16
N LEU B 375 -30.02 -1.95 -8.47
CA LEU B 375 -28.78 -1.19 -8.37
C LEU B 375 -27.60 -1.92 -7.73
N ASN B 376 -27.89 -2.77 -6.74
CA ASN B 376 -26.86 -3.53 -6.03
C ASN B 376 -26.57 -4.88 -6.70
N SER B 377 -27.26 -5.19 -7.80
CA SER B 377 -27.08 -6.46 -8.47
C SER B 377 -25.75 -6.69 -9.16
N GLU B 378 -25.44 -7.96 -9.35
CA GLU B 378 -24.21 -8.35 -10.01
C GLU B 378 -24.15 -7.80 -11.43
N ALA B 379 -25.28 -7.73 -12.10
CA ALA B 379 -25.29 -7.21 -13.46
C ALA B 379 -24.95 -5.73 -13.46
N MET B 380 -25.36 -5.02 -12.42
CA MET B 380 -25.06 -3.60 -12.36
C MET B 380 -23.58 -3.37 -12.07
N GLN B 381 -23.01 -4.18 -11.19
CA GLN B 381 -21.60 -4.06 -10.86
C GLN B 381 -20.74 -4.29 -12.10
N LYS B 382 -21.05 -5.35 -12.85
CA LYS B 382 -20.29 -5.68 -14.05
C LYS B 382 -20.39 -4.57 -15.10
N HIS B 383 -21.60 -4.02 -15.23
CA HIS B 383 -21.85 -2.95 -16.18
C HIS B 383 -20.92 -1.77 -15.87
N VAL B 384 -20.93 -1.34 -14.61
CA VAL B 384 -20.09 -0.21 -14.18
C VAL B 384 -18.60 -0.52 -14.29
N ARG B 385 -18.21 -1.75 -13.95
CA ARG B 385 -16.82 -2.15 -14.00
C ARG B 385 -16.29 -2.34 -15.44
N THR B 386 -17.13 -2.84 -16.33
CA THR B 386 -16.72 -3.03 -17.72
C THR B 386 -16.41 -1.66 -18.34
N LEU B 387 -17.32 -0.73 -18.12
CA LEU B 387 -17.24 0.62 -18.67
C LEU B 387 -16.12 1.53 -18.15
N TYR B 388 -16.05 1.71 -16.83
CA TYR B 388 -15.10 2.63 -16.24
C TYR B 388 -13.87 2.05 -15.55
N ARG B 389 -13.74 0.73 -15.54
CA ARG B 389 -12.61 0.05 -14.91
C ARG B 389 -12.13 0.73 -13.63
N ASP B 390 -10.86 1.14 -13.59
CA ASP B 390 -10.33 1.81 -12.40
C ASP B 390 -9.82 3.22 -12.71
N PHE B 391 -10.41 3.86 -13.72
CA PHE B 391 -10.00 5.21 -14.12
C PHE B 391 -9.95 6.11 -12.90
N VAL B 392 -10.98 6.00 -12.06
CA VAL B 392 -11.08 6.80 -10.86
C VAL B 392 -11.35 5.87 -9.69
N PRO B 393 -11.02 6.32 -8.48
CA PRO B 393 -11.22 5.52 -7.26
C PRO B 393 -12.61 5.67 -6.65
N HIS B 394 -13.62 6.02 -7.44
CA HIS B 394 -14.96 6.21 -6.91
C HIS B 394 -15.99 6.45 -8.00
N LEU B 395 -17.27 6.29 -7.63
CA LEU B 395 -18.37 6.50 -8.56
C LEU B 395 -18.66 8.00 -8.65
N THR B 396 -18.61 8.57 -9.85
CA THR B 396 -18.91 9.99 -10.01
C THR B 396 -20.35 10.24 -10.44
N LEU B 397 -20.77 11.48 -10.31
CA LEU B 397 -22.12 11.90 -10.67
C LEU B 397 -22.44 11.42 -12.08
N ARG B 398 -21.55 11.77 -13.01
CA ARG B 398 -21.68 11.41 -14.43
C ARG B 398 -21.86 9.90 -14.64
N MET B 399 -21.10 9.11 -13.91
CA MET B 399 -21.20 7.67 -14.01
C MET B 399 -22.55 7.27 -13.45
N LEU B 400 -22.91 7.90 -12.32
CA LEU B 400 -24.16 7.63 -11.65
C LEU B 400 -25.39 7.95 -12.49
N GLU B 401 -25.56 9.21 -12.84
CA GLU B 401 -26.72 9.65 -13.62
C GLU B 401 -27.07 8.90 -14.90
N ARG B 402 -26.14 8.12 -15.45
CA ARG B 402 -26.50 7.39 -16.66
C ARG B 402 -26.64 5.88 -16.47
N LEU B 403 -26.78 5.46 -15.22
CA LEU B 403 -26.99 4.04 -14.93
C LEU B 403 -28.41 3.77 -15.39
N PRO B 404 -28.64 2.63 -16.07
CA PRO B 404 -29.97 2.28 -16.56
C PRO B 404 -30.93 1.65 -15.55
N VAL B 405 -32.12 2.24 -15.42
CA VAL B 405 -33.14 1.72 -14.53
C VAL B 405 -34.08 0.94 -15.43
N ARG B 406 -34.50 -0.23 -14.99
CA ARG B 406 -35.40 -1.04 -15.77
C ARG B 406 -36.83 -0.49 -15.80
N ARG B 407 -37.52 -0.78 -16.89
CA ARG B 407 -38.88 -0.33 -17.16
C ARG B 407 -39.92 -0.47 -16.04
N GLU B 408 -40.01 -1.66 -15.45
CA GLU B 408 -41.02 -1.90 -14.42
C GLU B 408 -40.72 -1.50 -12.98
N TYR B 409 -39.77 -0.60 -12.75
CA TYR B 409 -39.46 -0.16 -11.39
C TYR B 409 -39.90 1.28 -11.20
N GLY B 410 -39.32 2.17 -12.00
CA GLY B 410 -39.63 3.58 -11.92
C GLY B 410 -39.93 4.14 -13.30
N PHE B 411 -40.95 4.99 -13.40
CA PHE B 411 -41.34 5.57 -14.67
C PHE B 411 -41.98 6.95 -14.49
N HIS B 412 -42.23 7.62 -15.61
CA HIS B 412 -42.84 8.94 -15.59
C HIS B 412 -44.32 8.78 -15.89
N THR B 413 -45.16 9.43 -15.10
CA THR B 413 -46.61 9.37 -15.27
C THR B 413 -47.12 10.39 -16.29
#